data_8X5B
#
_entry.id   8X5B
#
_cell.length_a   1.00
_cell.length_b   1.00
_cell.length_c   1.00
_cell.angle_alpha   90.00
_cell.angle_beta   90.00
_cell.angle_gamma   90.00
#
_symmetry.space_group_name_H-M   'P 1'
#
loop_
_entity.id
_entity.type
_entity.pdbx_description
1 polymer 'Solute carrier family 53 member 1'
2 non-polymer 'PHOSPHATE ION'
3 non-polymer '(2S)-3-(hexadecanoyloxy)-2-[(9Z)-octadec-9-enoyloxy]propyl 2-(trimethylammonio)ethyl phosphate'
4 non-polymer CHOLESTEROL
5 water water
#
_entity_poly.entity_id   1
_entity_poly.type   'polypeptide(L)'
_entity_poly.pdbx_seq_one_letter_code
;APAWTTFRVGLFCGIFIVLNITLVLAAVFKLETDRSIWPLIRIYRGGFLLIEFLFLLGINTYGWRQAGVNHVLIFELNPR
SNLSHQHLFEIAGFLGILWCLSLLACFFAPISVIPTYVYPLALYGFMVFFLINPTKTFYYKSRFWLLKLLFRVFTAPFHK
VGFADFWLADQLNSLSVILMDLEYMICFYSLELKWDESKGLLPNNSEESGICHKYTYGVRAIVQCIPAWLRFIQCLRRYR
DTKRAFPHLVNAGKYSTTFFMVTFAALYSTHKERGHSDTMVFFYLWIVFYIISSCYTLIWDLKMDWGLFDKNAGENTFLR
EEIVYPQKAYYYCAIIEDVILRFAWTIQISITSTTLLPHSGDIIATVFAPLEVFRRFVWNFFRLENEHLNNCGEFRAVRD
ISVAPLNADDQTLLEQMMDQDDGVRNRQKNRSWKYNQSISLRRPRLASQSKARDTKVLIEDTDDEANT
;
_entity_poly.pdbx_strand_id   F,A
#
# COMPACT_ATOMS: atom_id res chain seq x y z
N ALA A 1 10.35 13.02 -9.83
CA ALA A 1 10.84 11.95 -8.98
C ALA A 1 10.88 10.63 -9.74
N PRO A 2 11.84 9.77 -9.39
CA PRO A 2 11.91 8.46 -10.05
C PRO A 2 10.72 7.59 -9.69
N ALA A 3 10.55 6.51 -10.47
CA ALA A 3 9.36 5.67 -10.33
C ALA A 3 9.40 4.87 -9.03
N TRP A 4 10.58 4.50 -8.57
CA TRP A 4 10.66 3.73 -7.33
C TRP A 4 10.26 4.58 -6.13
N THR A 5 10.49 5.89 -6.21
CA THR A 5 10.09 6.77 -5.11
C THR A 5 8.57 6.84 -4.99
N THR A 6 7.87 7.01 -6.12
CA THR A 6 6.41 7.03 -6.09
C THR A 6 5.85 5.67 -5.69
N PHE A 7 6.48 4.61 -6.15
CA PHE A 7 6.04 3.28 -5.79
C PHE A 7 6.11 3.14 -4.29
N ARG A 8 7.20 3.61 -3.68
CA ARG A 8 7.43 3.55 -2.22
C ARG A 8 6.47 4.41 -1.41
N VAL A 9 6.16 5.59 -1.90
CA VAL A 9 5.14 6.45 -1.30
C VAL A 9 3.81 5.73 -1.23
N GLY A 10 3.36 5.18 -2.36
CA GLY A 10 2.08 4.48 -2.37
C GLY A 10 2.09 3.25 -1.49
N LEU A 11 3.19 2.50 -1.50
CA LEU A 11 3.30 1.29 -0.69
C LEU A 11 3.11 1.61 0.79
N PHE A 12 3.84 2.61 1.29
CA PHE A 12 3.74 2.94 2.71
C PHE A 12 2.38 3.53 3.06
N CYS A 13 1.79 4.29 2.13
CA CYS A 13 0.44 4.82 2.37
C CYS A 13 -0.58 3.69 2.50
N GLY A 14 -0.49 2.67 1.64
CA GLY A 14 -1.45 1.57 1.70
C GLY A 14 -1.31 0.74 2.97
N ILE A 15 -0.07 0.43 3.34
CA ILE A 15 0.15 -0.29 4.60
C ILE A 15 -0.37 0.52 5.77
N PHE A 16 -0.14 1.83 5.76
CA PHE A 16 -0.62 2.71 6.82
C PHE A 16 -2.14 2.67 6.92
N ILE A 17 -2.83 2.70 5.78
CA ILE A 17 -4.30 2.72 5.80
C ILE A 17 -4.83 1.44 6.44
N VAL A 18 -4.37 0.28 5.99
CA VAL A 18 -4.91 -0.97 6.53
C VAL A 18 -4.55 -1.12 8.00
N LEU A 19 -3.35 -0.70 8.39
CA LEU A 19 -2.95 -0.75 9.79
C LEU A 19 -3.85 0.12 10.65
N ASN A 20 -4.28 1.26 10.13
CA ASN A 20 -5.17 2.13 10.90
C ASN A 20 -6.54 1.48 11.10
N ILE A 21 -7.08 0.87 10.04
CA ILE A 21 -8.39 0.24 10.16
C ILE A 21 -8.37 -0.89 11.19
N THR A 22 -7.35 -1.75 11.15
CA THR A 22 -7.29 -2.83 12.12
C THR A 22 -7.04 -2.29 13.52
N LEU A 23 -6.30 -1.17 13.63
CA LEU A 23 -6.13 -0.53 14.93
C LEU A 23 -7.47 -0.12 15.53
N VAL A 24 -8.33 0.52 14.72
CA VAL A 24 -9.63 0.95 15.22
C VAL A 24 -10.48 -0.24 15.64
N LEU A 25 -10.50 -1.29 14.82
CA LEU A 25 -11.35 -2.44 15.14
C LEU A 25 -10.87 -3.15 16.39
N ALA A 26 -9.55 -3.30 16.55
CA ALA A 26 -9.03 -3.90 17.77
C ALA A 26 -9.33 -3.02 18.98
N ALA A 27 -9.33 -1.70 18.79
CA ALA A 27 -9.67 -0.80 19.88
C ALA A 27 -11.11 -0.98 20.33
N VAL A 28 -12.03 -1.14 19.37
CA VAL A 28 -13.43 -1.26 19.74
C VAL A 28 -13.83 -2.68 20.12
N PHE A 29 -12.92 -3.65 20.04
CA PHE A 29 -13.23 -5.05 20.45
C PHE A 29 -12.26 -5.71 21.43
N LYS A 30 -11.00 -5.84 21.05
CA LYS A 30 -10.00 -6.52 21.89
C LYS A 30 -9.72 -5.88 23.25
N LEU A 31 -9.67 -4.55 23.32
CA LEU A 31 -9.34 -3.86 24.58
C LEU A 31 -10.29 -4.13 25.73
N GLU A 32 -9.81 -3.97 26.96
CA GLU A 32 -10.64 -4.27 28.14
C GLU A 32 -11.04 -3.02 28.93
N THR A 33 -12.29 -2.95 29.34
CA THR A 33 -12.80 -1.75 30.03
C THR A 33 -12.21 -1.32 31.37
N ASP A 34 -11.88 -2.26 32.24
CA ASP A 34 -11.43 -1.89 33.59
C ASP A 34 -10.18 -1.03 33.71
N ARG A 35 -9.15 -1.30 32.91
CA ARG A 35 -7.89 -0.56 33.02
C ARG A 35 -7.89 0.83 32.38
N SER A 36 -6.98 1.70 32.83
CA SER A 36 -6.89 3.07 32.28
C SER A 36 -6.06 3.19 31.02
N ILE A 37 -6.62 3.83 29.99
CA ILE A 37 -5.91 4.02 28.73
C ILE A 37 -5.25 5.37 28.53
N TRP A 38 -5.28 6.24 29.53
CA TRP A 38 -4.75 7.60 29.36
C TRP A 38 -3.22 7.73 29.26
N PRO A 39 -2.42 7.11 30.18
CA PRO A 39 -0.97 7.16 29.98
C PRO A 39 -0.55 6.75 28.58
N LEU A 40 -1.26 5.76 28.05
CA LEU A 40 -1.05 5.20 26.72
C LEU A 40 -1.34 6.17 25.59
N ILE A 41 -2.31 7.06 25.80
CA ILE A 41 -2.69 8.11 24.87
C ILE A 41 -1.72 9.28 24.97
N ARG A 42 -1.38 9.69 26.20
CA ARG A 42 -0.45 10.79 26.37
C ARG A 42 0.94 10.45 25.84
N ILE A 43 1.30 9.17 25.85
CA ILE A 43 2.64 8.79 25.38
C ILE A 43 2.70 8.78 23.85
N TYR A 44 1.64 8.29 23.20
CA TYR A 44 1.66 8.17 21.74
C TYR A 44 1.21 9.42 21.01
N ARG A 45 0.62 10.39 21.73
CA ARG A 45 0.16 11.62 21.09
C ARG A 45 1.32 12.36 20.41
N GLY A 46 2.50 12.36 21.01
CA GLY A 46 3.61 13.11 20.45
C GLY A 46 4.05 12.58 19.10
N GLY A 47 4.20 11.26 18.99
CA GLY A 47 4.55 10.68 17.70
C GLY A 47 3.49 10.92 16.65
N PHE A 48 2.21 10.86 17.05
CA PHE A 48 1.15 11.15 16.10
C PHE A 48 1.26 12.56 15.55
N LEU A 49 1.53 13.54 16.43
CA LEU A 49 1.63 14.92 15.98
C LEU A 49 2.83 15.14 15.09
N LEU A 50 3.93 14.43 15.35
CA LEU A 50 5.11 14.58 14.49
C LEU A 50 4.85 14.02 13.09
N ILE A 51 4.19 12.88 13.00
CA ILE A 51 3.88 12.30 11.69
C ILE A 51 2.94 13.21 10.91
N GLU A 52 1.91 13.74 11.57
CA GLU A 52 1.01 14.66 10.90
C GLU A 52 1.74 15.90 10.41
N PHE A 53 2.66 16.43 11.23
CA PHE A 53 3.40 17.61 10.83
C PHE A 53 4.22 17.36 9.57
N LEU A 54 4.87 16.20 9.47
CA LEU A 54 5.68 15.91 8.28
C LEU A 54 4.81 15.78 7.02
N PHE A 55 3.66 15.13 7.15
CA PHE A 55 2.75 15.01 6.01
C PHE A 55 2.28 16.38 5.52
N LEU A 56 1.77 17.21 6.41
CA LEU A 56 1.28 18.51 6.01
C LEU A 56 2.39 19.35 5.41
N LEU A 57 3.61 19.18 5.89
CA LEU A 57 4.79 19.88 5.37
C LEU A 57 5.06 19.51 3.94
N GLY A 58 4.83 18.26 3.59
CA GLY A 58 4.96 17.75 2.23
C GLY A 58 3.92 18.43 1.35
N ILE A 59 2.71 18.65 1.85
CA ILE A 59 1.71 19.39 1.07
C ILE A 59 2.13 20.86 0.91
N ASN A 60 2.76 21.42 1.95
CA ASN A 60 3.26 22.79 1.86
C ASN A 60 4.31 22.93 0.76
N THR A 61 5.25 21.97 0.68
CA THR A 61 6.27 22.03 -0.34
C THR A 61 5.68 21.96 -1.74
N TYR A 62 4.69 21.08 -1.94
CA TYR A 62 4.02 21.02 -3.25
C TYR A 62 3.38 22.37 -3.59
N GLY A 63 2.67 22.96 -2.63
CA GLY A 63 2.01 24.23 -2.89
C GLY A 63 2.98 25.35 -3.22
N TRP A 64 4.10 25.44 -2.48
CA TRP A 64 5.09 26.46 -2.80
C TRP A 64 5.67 26.25 -4.19
N ARG A 65 6.01 25.03 -4.58
CA ARG A 65 6.65 24.82 -5.88
C ARG A 65 5.75 25.21 -7.03
N GLN A 66 4.51 24.73 -7.00
CA GLN A 66 3.55 25.03 -8.07
C GLN A 66 3.17 26.49 -8.22
N ALA A 67 2.98 27.20 -7.11
CA ALA A 67 2.58 28.59 -7.15
C ALA A 67 3.71 29.51 -7.53
N GLY A 68 4.94 29.01 -7.47
CA GLY A 68 6.04 29.84 -7.90
C GLY A 68 6.77 30.56 -6.80
N VAL A 69 6.61 30.15 -5.54
CA VAL A 69 7.32 30.77 -4.43
C VAL A 69 8.69 30.13 -4.31
N ASN A 70 9.73 30.96 -4.44
CA ASN A 70 11.12 30.46 -4.43
C ASN A 70 11.53 30.19 -2.99
N HIS A 71 11.17 28.99 -2.51
CA HIS A 71 11.49 28.62 -1.13
C HIS A 71 12.91 28.10 -1.00
N VAL A 72 13.60 27.84 -2.10
CA VAL A 72 14.99 27.42 -2.02
C VAL A 72 15.89 28.63 -1.79
N LEU A 73 15.50 29.79 -2.33
CA LEU A 73 16.29 31.00 -2.12
C LEU A 73 16.10 31.55 -0.72
N ILE A 74 14.88 31.43 -0.18
CA ILE A 74 14.59 32.00 1.12
C ILE A 74 15.24 31.18 2.23
N PHE A 75 15.07 29.86 2.20
CA PHE A 75 15.75 28.98 3.15
C PHE A 75 17.26 28.90 2.91
N GLU A 76 17.74 29.41 1.78
CA GLU A 76 19.15 29.32 1.38
C GLU A 76 19.64 27.88 1.31
N LEU A 77 18.83 27.00 0.74
CA LEU A 77 19.24 25.61 0.57
C LEU A 77 20.00 25.51 -0.74
N ASN A 78 20.73 24.42 -0.95
CA ASN A 78 21.49 24.21 -2.17
C ASN A 78 20.56 23.97 -3.35
N PRO A 79 20.77 24.68 -4.47
CA PRO A 79 19.86 24.49 -5.61
C PRO A 79 20.00 23.15 -6.29
N ARG A 80 21.15 22.50 -6.17
CA ARG A 80 21.32 21.20 -6.81
C ARG A 80 20.60 20.03 -6.09
N SER A 81 20.84 19.82 -4.81
CA SER A 81 20.25 18.66 -4.14
C SER A 81 19.07 18.78 -3.17
N ASN A 82 18.03 19.51 -3.54
CA ASN A 82 16.86 19.68 -2.68
C ASN A 82 15.96 18.49 -2.64
N LEU A 83 15.18 18.41 -1.57
CA LEU A 83 14.17 17.36 -1.47
C LEU A 83 12.85 17.83 -2.08
N SER A 84 12.07 16.89 -2.63
CA SER A 84 10.77 17.20 -3.15
C SER A 84 9.74 16.69 -2.16
N HIS A 85 8.47 16.97 -2.40
CA HIS A 85 7.40 16.47 -1.55
C HIS A 85 7.26 14.97 -1.40
N GLN A 86 7.66 14.22 -2.41
CA GLN A 86 7.59 12.76 -2.37
C GLN A 86 8.48 12.17 -1.32
N HIS A 87 9.66 12.71 -1.13
CA HIS A 87 10.56 12.25 -0.07
C HIS A 87 10.01 12.49 1.33
N LEU A 88 9.32 13.61 1.55
CA LEU A 88 8.66 13.88 2.82
C LEU A 88 7.50 12.94 3.05
N PHE A 89 6.65 12.72 2.04
CA PHE A 89 5.59 11.74 2.11
C PHE A 89 6.14 10.35 2.46
N GLU A 90 7.33 10.03 1.97
CA GLU A 90 7.93 8.73 2.22
C GLU A 90 8.37 8.59 3.67
N ILE A 91 9.05 9.61 4.20
CA ILE A 91 9.46 9.59 5.61
C ILE A 91 8.23 9.50 6.51
N ALA A 92 7.20 10.30 6.22
CA ALA A 92 5.99 10.27 7.02
C ALA A 92 5.36 8.89 7.02
N GLY A 93 5.23 8.26 5.83
CA GLY A 93 4.63 6.94 5.76
C GLY A 93 5.42 5.89 6.53
N PHE A 94 6.74 5.95 6.45
CA PHE A 94 7.57 4.96 7.13
C PHE A 94 7.44 5.08 8.65
N LEU A 95 7.59 6.30 9.17
CA LEU A 95 7.44 6.50 10.61
C LEU A 95 6.02 6.20 11.08
N GLY A 96 5.04 6.41 10.21
CA GLY A 96 3.67 6.06 10.56
C GLY A 96 3.47 4.56 10.66
N ILE A 97 4.14 3.80 9.81
CA ILE A 97 4.06 2.34 9.89
C ILE A 97 4.65 1.87 11.22
N LEU A 98 5.80 2.44 11.62
CA LEU A 98 6.39 2.05 12.90
C LEU A 98 5.49 2.43 14.07
N TRP A 99 4.88 3.62 14.01
CA TRP A 99 3.94 4.03 15.06
C TRP A 99 2.76 3.07 15.16
N CYS A 100 2.15 2.73 14.02
CA CYS A 100 1.02 1.82 14.03
C CYS A 100 1.40 0.43 14.55
N LEU A 101 2.58 -0.06 14.14
CA LEU A 101 3.01 -1.37 14.60
C LEU A 101 3.26 -1.41 16.10
N SER A 102 3.92 -0.37 16.63
CA SER A 102 4.19 -0.33 18.06
C SER A 102 2.90 -0.24 18.87
N LEU A 103 1.98 0.62 18.45
CA LEU A 103 0.71 0.73 19.18
C LEU A 103 -0.08 -0.57 19.09
N LEU A 104 -0.10 -1.19 17.90
CA LEU A 104 -0.78 -2.48 17.74
C LEU A 104 -0.19 -3.53 18.67
N ALA A 105 1.14 -3.59 18.75
CA ALA A 105 1.77 -4.56 19.66
C ALA A 105 1.45 -4.25 21.11
N CYS A 106 1.20 -2.98 21.42
CA CYS A 106 0.82 -2.63 22.78
C CYS A 106 -0.62 -3.07 23.08
N PHE A 107 -1.48 -3.08 22.07
CA PHE A 107 -2.85 -3.56 22.27
C PHE A 107 -2.88 -5.07 22.42
N PHE A 108 -2.22 -5.79 21.51
CA PHE A 108 -2.12 -7.24 21.56
C PHE A 108 -1.03 -7.64 22.56
N ALA A 109 -0.65 -8.92 22.55
CA ALA A 109 0.51 -9.41 23.28
C ALA A 109 1.23 -10.42 22.41
N PRO A 110 1.88 -9.96 21.34
CA PRO A 110 2.45 -10.90 20.37
C PRO A 110 3.56 -11.78 20.94
N ILE A 111 4.23 -11.32 21.98
CA ILE A 111 5.28 -12.08 22.65
C ILE A 111 5.03 -12.04 24.15
N SER A 112 5.02 -13.21 24.77
CA SER A 112 4.71 -13.33 26.19
C SER A 112 5.83 -12.71 27.03
N VAL A 113 7.08 -13.08 26.71
CA VAL A 113 8.26 -12.71 27.49
C VAL A 113 8.39 -11.21 27.64
N ILE A 114 8.39 -10.50 26.51
CA ILE A 114 8.56 -9.05 26.51
C ILE A 114 7.51 -8.29 27.26
N PRO A 115 7.94 -7.49 28.26
CA PRO A 115 6.97 -6.66 28.96
C PRO A 115 6.42 -5.56 28.07
N THR A 116 5.19 -5.13 28.31
CA THR A 116 4.55 -4.13 27.44
C THR A 116 5.23 -2.75 27.38
N TYR A 117 5.83 -2.30 28.48
CA TYR A 117 6.47 -0.98 28.51
C TYR A 117 7.64 -0.82 27.53
N VAL A 118 8.21 -1.93 27.09
CA VAL A 118 9.32 -1.90 26.13
C VAL A 118 8.95 -1.29 24.79
N TYR A 119 7.75 -1.54 24.29
CA TYR A 119 7.39 -1.06 22.94
C TYR A 119 7.39 0.46 22.72
N PRO A 120 6.84 1.24 23.67
CA PRO A 120 6.90 2.70 23.52
C PRO A 120 8.35 3.14 23.44
N LEU A 121 9.20 2.55 24.27
CA LEU A 121 10.63 2.82 24.31
C LEU A 121 11.33 2.44 23.02
N ALA A 122 10.95 1.32 22.42
CA ALA A 122 11.55 0.84 21.18
C ALA A 122 11.26 1.72 19.95
N LEU A 123 10.13 2.42 19.98
CA LEU A 123 9.71 3.33 18.91
C LEU A 123 10.50 4.61 18.93
N TYR A 124 10.55 5.26 20.09
CA TYR A 124 11.22 6.55 20.18
C TYR A 124 12.74 6.39 20.12
N GLY A 125 13.26 5.26 20.59
CA GLY A 125 14.68 4.99 20.40
C GLY A 125 15.06 4.86 18.95
N PHE A 126 14.26 4.16 18.16
CA PHE A 126 14.55 4.06 16.74
C PHE A 126 14.54 5.40 16.05
N MET A 127 13.60 6.28 16.36
CA MET A 127 13.51 7.56 15.67
C MET A 127 14.74 8.41 15.89
N VAL A 128 15.19 8.48 17.14
CA VAL A 128 16.44 9.20 17.44
C VAL A 128 17.62 8.62 16.66
N PHE A 129 17.72 7.30 16.60
CA PHE A 129 18.81 6.65 15.86
C PHE A 129 18.82 6.95 14.37
N PHE A 130 17.65 6.97 13.74
CA PHE A 130 17.56 7.27 12.33
C PHE A 130 18.09 8.66 12.07
N LEU A 131 17.73 9.63 12.91
CA LEU A 131 18.23 10.99 12.78
C LEU A 131 19.73 11.14 13.01
N ILE A 132 20.27 10.46 14.01
CA ILE A 132 21.70 10.62 14.35
C ILE A 132 22.63 9.53 13.82
N ASN A 133 22.23 8.78 12.82
CA ASN A 133 23.09 7.76 12.25
C ASN A 133 24.32 8.42 11.63
N PRO A 134 25.53 7.97 12.01
CA PRO A 134 26.78 8.50 11.45
C PRO A 134 27.01 8.19 9.97
N THR A 135 26.60 7.00 9.52
CA THR A 135 26.86 6.57 8.14
C THR A 135 26.11 7.35 7.07
N LYS A 136 26.65 7.36 5.86
CA LYS A 136 26.01 8.09 4.78
C LYS A 136 24.92 7.27 4.14
N THR A 137 23.86 7.00 4.90
CA THR A 137 22.72 6.26 4.37
C THR A 137 21.45 6.94 4.84
N PHE A 138 20.35 6.80 4.09
CA PHE A 138 19.05 7.38 4.47
C PHE A 138 18.91 8.88 4.62
N TYR A 139 19.08 9.63 3.53
CA TYR A 139 19.00 11.09 3.51
C TYR A 139 19.98 11.66 4.55
N TYR A 140 21.26 11.38 4.33
CA TYR A 140 22.25 11.81 5.31
C TYR A 140 22.47 13.32 5.25
N LYS A 141 22.37 13.91 4.07
CA LYS A 141 22.56 15.35 3.97
C LYS A 141 21.41 16.11 4.63
N SER A 142 20.18 15.62 4.47
CA SER A 142 19.04 16.27 5.11
C SER A 142 19.16 16.21 6.62
N ARG A 143 19.47 15.04 7.17
CA ARG A 143 19.59 14.90 8.61
C ARG A 143 20.71 15.75 9.16
N PHE A 144 21.81 15.88 8.41
CA PHE A 144 22.92 16.70 8.92
C PHE A 144 22.60 18.18 8.90
N TRP A 145 21.95 18.65 7.83
CA TRP A 145 21.50 20.05 7.80
C TRP A 145 20.53 20.34 8.93
N LEU A 146 19.55 19.46 9.15
CA LEU A 146 18.60 19.65 10.24
C LEU A 146 19.30 19.69 11.60
N LEU A 147 20.31 18.84 11.78
CA LEU A 147 20.98 18.78 13.08
C LEU A 147 21.77 20.05 13.35
N LYS A 148 22.46 20.59 12.35
CA LYS A 148 23.14 21.87 12.54
C LYS A 148 22.15 22.99 12.83
N LEU A 149 21.00 22.99 12.15
CA LEU A 149 20.02 24.03 12.42
C LEU A 149 19.47 23.93 13.83
N LEU A 150 19.17 22.74 14.30
CA LEU A 150 18.68 22.56 15.65
C LEU A 150 19.65 23.04 16.71
N PHE A 151 20.94 22.86 16.48
CA PHE A 151 21.95 23.31 17.42
C PHE A 151 21.94 24.82 17.58
N ARG A 152 21.82 25.55 16.48
CA ARG A 152 21.75 27.00 16.53
C ARG A 152 20.52 27.53 17.25
N VAL A 153 19.36 26.92 17.04
CA VAL A 153 18.13 27.37 17.69
C VAL A 153 18.15 27.21 19.20
N PHE A 154 18.72 26.13 19.72
CA PHE A 154 18.74 25.88 21.17
C PHE A 154 19.84 26.63 21.89
N THR A 155 20.68 27.34 21.15
CA THR A 155 21.73 28.17 21.75
C THR A 155 21.46 29.50 21.08
N ALA A 156 20.31 30.09 21.38
CA ALA A 156 19.89 31.32 20.68
C ALA A 156 20.62 32.66 20.79
N PRO A 157 21.05 33.07 22.00
CA PRO A 157 21.69 34.39 22.04
C PRO A 157 22.96 34.41 21.23
N PHE A 158 23.68 33.30 21.12
CA PHE A 158 25.00 33.28 20.47
C PHE A 158 25.20 33.29 18.94
N HIS A 159 24.13 33.27 18.15
CA HIS A 159 24.29 33.20 16.69
C HIS A 159 23.48 34.26 15.97
N LYS A 160 23.90 34.67 14.78
CA LYS A 160 23.13 35.65 14.00
C LYS A 160 21.90 35.01 13.36
N VAL A 161 20.73 35.64 13.48
CA VAL A 161 19.50 35.04 12.97
C VAL A 161 19.35 35.05 11.45
N GLY A 162 18.87 33.95 10.89
CA GLY A 162 18.66 33.82 9.45
C GLY A 162 17.26 33.28 9.36
N PHE A 163 16.69 33.35 8.17
CA PHE A 163 15.33 32.91 7.95
C PHE A 163 15.02 31.54 8.48
N ALA A 164 15.92 30.60 8.26
CA ALA A 164 15.76 29.23 8.71
C ALA A 164 15.69 29.09 10.23
N ASP A 165 16.50 29.86 10.96
CA ASP A 165 16.47 29.89 12.42
C ASP A 165 15.17 30.43 12.95
N PHE A 166 14.71 31.53 12.38
CA PHE A 166 13.45 32.13 12.77
C PHE A 166 12.30 31.20 12.45
N TRP A 167 12.33 30.53 11.30
CA TRP A 167 11.27 29.63 10.86
C TRP A 167 11.09 28.38 11.70
N LEU A 168 12.18 27.71 12.08
CA LEU A 168 12.13 26.51 12.91
C LEU A 168 11.70 26.82 14.34
N ALA A 169 12.10 27.97 14.88
CA ALA A 169 11.68 28.32 16.23
C ALA A 169 10.17 28.55 16.29
N ASP A 170 9.59 29.11 15.24
CA ASP A 170 8.15 29.29 15.18
C ASP A 170 7.43 27.96 15.06
N GLN A 171 7.88 27.09 14.17
CA GLN A 171 7.32 25.74 14.10
C GLN A 171 7.34 25.06 15.45
N LEU A 172 8.43 25.23 16.21
CA LEU A 172 8.49 24.67 17.56
C LEU A 172 7.49 25.35 18.47
N ASN A 173 7.03 26.57 18.24
CA ASN A 173 5.96 27.15 19.10
C ASN A 173 4.62 26.40 19.02
N SER A 174 4.30 25.82 17.86
CA SER A 174 3.06 25.03 17.67
C SER A 174 3.20 23.55 17.94
N LEU A 175 4.41 23.08 18.23
CA LEU A 175 4.67 21.67 18.48
C LEU A 175 5.04 21.46 19.91
N SER A 176 4.63 22.37 20.78
CA SER A 176 5.00 22.31 22.20
C SER A 176 4.47 21.07 22.90
N VAL A 177 3.36 20.53 22.44
CA VAL A 177 2.78 19.34 23.06
C VAL A 177 3.71 18.14 23.03
N ILE A 178 4.50 18.00 21.98
CA ILE A 178 5.45 16.90 21.88
C ILE A 178 6.44 16.96 23.03
N LEU A 179 6.91 18.14 23.38
CA LEU A 179 7.83 18.30 24.52
C LEU A 179 7.17 17.92 25.82
N MET A 180 5.91 18.29 26.00
CA MET A 180 5.18 17.94 27.21
C MET A 180 5.00 16.45 27.34
N ASP A 181 4.68 15.77 26.24
CA ASP A 181 4.52 14.32 26.24
C ASP A 181 5.83 13.66 26.56
N LEU A 182 6.92 14.19 26.04
CA LEU A 182 8.23 13.67 26.38
C LEU A 182 8.53 13.89 27.84
N GLU A 183 8.33 15.09 28.39
CA GLU A 183 8.57 15.22 29.82
C GLU A 183 7.66 14.30 30.61
N TYR A 184 6.42 14.11 30.15
CA TYR A 184 5.51 13.22 30.85
C TYR A 184 5.98 11.78 30.80
N MET A 185 6.49 11.34 29.66
CA MET A 185 6.96 9.97 29.54
C MET A 185 8.20 9.76 30.38
N ILE A 186 9.09 10.75 30.37
CA ILE A 186 10.32 10.68 31.14
C ILE A 186 10.01 10.61 32.62
N CYS A 187 9.05 11.39 33.06
CA CYS A 187 8.63 11.35 34.42
C CYS A 187 7.94 10.06 34.83
N PHE A 188 6.97 9.60 34.03
CA PHE A 188 6.11 8.43 34.30
C PHE A 188 6.80 7.10 34.54
N TYR A 189 7.74 6.72 33.68
CA TYR A 189 8.48 5.48 33.84
C TYR A 189 9.30 5.49 35.10
N SER A 190 9.89 6.63 35.39
CA SER A 190 10.72 6.81 36.57
C SER A 190 9.95 6.81 37.88
N LEU A 191 8.82 7.52 37.96
CA LEU A 191 8.06 7.52 39.22
C LEU A 191 6.80 6.69 39.39
N GLU A 192 5.90 6.71 38.42
CA GLU A 192 4.62 6.01 38.56
C GLU A 192 4.42 4.68 37.84
N LEU A 193 5.47 4.09 37.27
CA LEU A 193 5.33 2.82 36.60
C LEU A 193 5.95 1.75 37.47
N LYS A 194 5.22 0.68 37.75
CA LYS A 194 5.75 -0.40 38.55
C LYS A 194 6.35 -1.40 37.59
N TRP A 195 7.67 -1.50 37.62
CA TRP A 195 8.42 -2.36 36.72
C TRP A 195 8.15 -3.85 36.85
N ASP A 196 7.94 -4.32 38.07
CA ASP A 196 7.72 -5.74 38.33
C ASP A 196 6.50 -6.34 37.66
N GLU A 197 5.38 -5.62 37.62
CA GLU A 197 4.18 -6.17 36.98
C GLU A 197 4.39 -6.38 35.48
N SER A 198 3.88 -7.51 34.97
CA SER A 198 4.00 -7.86 33.56
C SER A 198 3.30 -6.90 32.61
N LYS A 199 2.14 -6.42 33.00
CA LYS A 199 1.39 -5.50 32.14
C LYS A 199 1.01 -4.27 32.92
N GLY A 200 2.00 -3.50 33.31
CA GLY A 200 1.80 -2.29 34.08
C GLY A 200 1.76 -1.03 33.23
N LEU A 201 1.73 -1.15 31.92
CA LEU A 201 1.68 0.04 31.08
C LEU A 201 0.34 0.69 31.23
N LEU A 202 -0.70 -0.13 31.32
CA LEU A 202 -2.05 0.36 31.52
C LEU A 202 -2.40 0.05 32.97
N PRO A 203 -2.10 0.98 33.87
CA PRO A 203 -2.33 0.76 35.30
C PRO A 203 -3.75 0.32 35.63
N SER A 209 -4.34 10.02 39.16
CA SER A 209 -3.51 8.85 39.46
C SER A 209 -2.05 9.23 39.44
N GLY A 210 -1.49 9.47 40.62
CA GLY A 210 -0.11 9.85 40.74
C GLY A 210 0.06 11.35 40.54
N ILE A 211 1.30 11.80 40.46
CA ILE A 211 1.62 13.20 40.29
C ILE A 211 2.15 13.58 38.91
N CYS A 212 2.09 12.66 37.97
CA CYS A 212 2.64 12.88 36.62
C CYS A 212 2.18 14.05 35.73
N HIS A 213 0.87 14.29 35.64
CA HIS A 213 0.36 15.33 34.75
C HIS A 213 0.08 16.69 35.38
N LYS A 214 0.23 16.78 36.70
CA LYS A 214 0.00 18.03 37.40
C LYS A 214 1.13 19.03 37.26
N TYR A 215 0.77 20.30 37.09
CA TYR A 215 1.75 21.37 36.97
C TYR A 215 2.09 21.91 38.36
N THR A 216 2.88 21.15 39.12
CA THR A 216 3.13 21.52 40.51
C THR A 216 4.59 21.82 40.87
N TYR A 217 5.47 20.85 40.64
CA TYR A 217 6.88 21.03 40.96
C TYR A 217 7.42 22.24 40.23
N GLY A 218 6.61 22.76 39.32
CA GLY A 218 6.93 23.91 38.49
C GLY A 218 7.69 23.58 37.22
N VAL A 219 7.88 22.30 36.96
CA VAL A 219 8.61 21.87 35.77
C VAL A 219 7.77 22.03 34.52
N ARG A 220 6.50 21.67 34.58
CA ARG A 220 5.65 21.74 33.39
C ARG A 220 5.43 23.15 32.85
N ALA A 221 5.52 24.18 33.69
CA ALA A 221 5.44 25.55 33.19
C ALA A 221 6.69 25.92 32.40
N ILE A 222 7.86 25.57 32.89
CA ILE A 222 9.10 25.86 32.16
C ILE A 222 9.10 25.16 30.82
N VAL A 223 8.57 23.94 30.76
CA VAL A 223 8.51 23.24 29.49
C VAL A 223 7.49 23.88 28.53
N GLN A 224 6.47 24.52 29.07
CA GLN A 224 5.48 25.22 28.27
C GLN A 224 6.06 26.45 27.58
N CYS A 225 6.91 27.16 28.30
CA CYS A 225 7.51 28.38 27.81
C CYS A 225 8.88 28.22 27.21
N ILE A 226 9.29 27.01 26.91
CA ILE A 226 10.61 26.83 26.31
C ILE A 226 10.76 27.41 24.93
N PRO A 227 9.78 27.24 24.04
CA PRO A 227 9.88 27.81 22.69
C PRO A 227 9.60 29.30 22.63
N ALA A 228 8.64 29.77 23.43
CA ALA A 228 8.39 31.20 23.50
C ALA A 228 9.62 31.94 24.01
N TRP A 229 10.35 31.33 24.94
CA TRP A 229 11.58 31.93 25.43
C TRP A 229 12.63 32.04 24.33
N LEU A 230 12.76 30.97 23.53
CA LEU A 230 13.75 31.00 22.44
C LEU A 230 13.42 32.10 21.42
N ARG A 231 12.14 32.28 21.11
CA ARG A 231 11.80 33.31 20.13
C ARG A 231 11.96 34.71 20.71
N PHE A 232 11.63 34.89 21.99
CA PHE A 232 11.86 36.16 22.66
C PHE A 232 13.34 36.52 22.66
N ILE A 233 14.20 35.54 22.93
CA ILE A 233 15.63 35.80 22.98
C ILE A 233 16.17 36.12 21.57
N GLN A 234 15.69 35.40 20.56
CA GLN A 234 16.11 35.69 19.19
C GLN A 234 15.73 37.11 18.79
N CYS A 235 14.54 37.56 19.19
CA CYS A 235 14.13 38.93 18.87
C CYS A 235 15.05 39.94 19.52
N LEU A 236 15.45 39.70 20.76
CA LEU A 236 16.36 40.64 21.42
C LEU A 236 17.71 40.68 20.74
N ARG A 237 18.18 39.55 20.24
CA ARG A 237 19.44 39.50 19.51
C ARG A 237 19.36 40.29 18.19
N ARG A 238 18.25 40.20 17.48
CA ARG A 238 18.02 40.92 16.22
C ARG A 238 18.05 42.39 16.46
N TYR A 239 17.47 42.84 17.54
CA TYR A 239 17.48 44.25 17.86
C TYR A 239 18.88 44.67 18.24
N ARG A 240 19.65 43.79 18.89
CA ARG A 240 21.00 44.24 19.18
C ARG A 240 21.78 44.51 17.90
N ASP A 241 21.73 43.58 16.95
CA ASP A 241 22.47 43.79 15.70
C ASP A 241 21.86 44.89 14.85
N THR A 242 20.55 44.91 14.69
CA THR A 242 19.93 45.90 13.79
C THR A 242 19.73 47.28 14.38
N LYS A 243 19.66 47.37 15.71
CA LYS A 243 19.41 48.64 16.39
C LYS A 243 18.09 49.28 15.97
N ARG A 244 17.08 48.46 15.71
CA ARG A 244 15.75 48.98 15.35
C ARG A 244 14.75 48.53 16.37
N ALA A 245 14.09 49.49 17.01
CA ALA A 245 13.11 49.20 18.04
C ALA A 245 11.85 48.63 17.41
N PHE A 246 11.69 48.82 16.12
CA PHE A 246 10.53 48.28 15.41
C PHE A 246 10.99 47.55 14.17
N PRO A 247 10.61 46.27 14.03
CA PRO A 247 9.63 45.53 14.82
C PRO A 247 10.17 44.57 15.85
N HIS A 248 11.44 44.63 16.18
CA HIS A 248 12.03 43.71 17.15
C HIS A 248 11.73 43.85 18.63
N LEU A 249 11.32 45.02 19.08
CA LEU A 249 10.93 45.14 20.48
C LEU A 249 9.43 44.96 20.61
N VAL A 250 8.69 45.26 19.56
CA VAL A 250 7.24 45.04 19.58
C VAL A 250 7.00 43.56 19.43
N ASN A 251 7.79 42.87 18.61
CA ASN A 251 7.64 41.42 18.41
C ASN A 251 8.05 40.60 19.61
N ALA A 252 9.07 41.05 20.35
CA ALA A 252 9.48 40.35 21.56
C ALA A 252 8.37 40.36 22.59
N GLY A 253 7.63 41.45 22.72
CA GLY A 253 6.51 41.54 23.63
C GLY A 253 5.42 40.56 23.26
N LYS A 254 5.18 40.34 21.97
CA LYS A 254 4.21 39.37 21.52
C LYS A 254 4.55 38.04 22.13
N TYR A 255 5.84 37.72 22.17
CA TYR A 255 6.24 36.42 22.72
C TYR A 255 6.31 36.43 24.23
N SER A 256 6.38 37.61 24.85
CA SER A 256 6.43 37.68 26.30
C SER A 256 5.06 37.54 26.94
N THR A 257 3.98 37.82 26.20
CA THR A 257 2.65 37.66 26.78
C THR A 257 2.38 36.24 27.27
N THR A 258 3.01 35.24 26.63
CA THR A 258 2.82 33.85 27.04
C THR A 258 3.32 33.61 28.46
N PHE A 259 4.37 34.32 28.88
CA PHE A 259 4.90 34.14 30.21
C PHE A 259 3.86 34.48 31.28
N PHE A 260 3.23 35.65 31.16
CA PHE A 260 2.22 36.06 32.12
C PHE A 260 1.00 35.14 32.04
N MET A 261 0.61 34.74 30.86
CA MET A 261 -0.52 33.85 30.71
C MET A 261 -0.30 32.55 31.48
N VAL A 262 0.80 31.84 31.22
CA VAL A 262 1.09 30.59 31.90
C VAL A 262 1.53 30.70 33.36
N THR A 263 1.85 31.89 33.82
CA THR A 263 2.21 32.07 35.21
C THR A 263 0.98 32.16 36.09
N PHE A 264 -0.15 32.53 35.50
CA PHE A 264 -1.40 32.66 36.25
C PHE A 264 -2.24 31.38 36.25
N ALA A 265 -1.72 30.33 35.64
CA ALA A 265 -2.36 29.04 35.63
C ALA A 265 -1.80 28.24 36.80
N ALA A 266 -0.47 28.09 36.90
CA ALA A 266 0.12 27.42 38.02
C ALA A 266 -0.34 28.08 39.31
N LEU A 267 -0.41 29.41 39.30
CA LEU A 267 -0.83 30.16 40.48
C LEU A 267 -2.27 29.90 40.90
N TYR A 268 -3.22 30.07 39.98
CA TYR A 268 -4.61 29.87 40.35
C TYR A 268 -4.85 28.42 40.71
N SER A 269 -4.30 27.52 39.91
CA SER A 269 -4.45 26.11 40.19
C SER A 269 -3.86 25.77 41.55
N THR A 270 -2.69 26.29 41.86
CA THR A 270 -2.07 25.99 43.14
C THR A 270 -2.88 26.55 44.33
N HIS A 271 -3.33 27.79 44.21
CA HIS A 271 -4.12 28.41 45.27
C HIS A 271 -5.45 27.71 45.49
N LYS A 272 -6.11 27.30 44.40
CA LYS A 272 -7.41 26.65 44.49
C LYS A 272 -7.36 25.35 45.27
N GLU A 273 -6.39 24.49 44.94
CA GLU A 273 -6.21 23.18 45.61
C GLU A 273 -6.01 23.38 47.10
N ARG A 274 -5.40 24.51 47.46
CA ARG A 274 -5.32 24.87 48.87
C ARG A 274 -6.60 25.56 49.30
N GLY A 275 -6.82 25.69 50.59
CA GLY A 275 -7.98 26.43 51.06
C GLY A 275 -7.58 27.88 51.13
N HIS A 276 -7.38 28.52 49.98
CA HIS A 276 -6.93 29.91 49.95
C HIS A 276 -7.93 30.82 49.28
N SER A 277 -8.09 32.04 49.80
CA SER A 277 -9.08 32.97 49.26
C SER A 277 -8.51 33.89 48.19
N ASP A 278 -7.23 33.76 47.88
CA ASP A 278 -6.59 34.60 46.87
C ASP A 278 -6.87 34.04 45.50
N THR A 279 -7.54 32.89 45.46
CA THR A 279 -7.82 32.23 44.19
C THR A 279 -8.63 33.09 43.25
N MET A 280 -9.62 33.80 43.78
CA MET A 280 -10.49 34.63 42.95
C MET A 280 -9.70 35.71 42.24
N VAL A 281 -8.79 36.35 42.97
CA VAL A 281 -8.02 37.44 42.38
C VAL A 281 -7.19 36.92 41.22
N PHE A 282 -6.55 35.77 41.41
CA PHE A 282 -5.73 35.19 40.36
C PHE A 282 -6.54 34.83 39.13
N PHE A 283 -7.77 34.37 39.34
CA PHE A 283 -8.63 33.99 38.24
C PHE A 283 -9.02 35.19 37.41
N TYR A 284 -9.17 36.35 38.04
CA TYR A 284 -9.56 37.52 37.27
C TYR A 284 -8.39 38.09 36.50
N LEU A 285 -7.19 37.60 36.80
CA LEU A 285 -6.00 38.04 36.10
C LEU A 285 -5.72 37.06 34.98
N TRP A 286 -5.94 35.78 35.22
CA TRP A 286 -5.68 34.81 34.17
C TRP A 286 -6.49 35.05 32.93
N ILE A 287 -7.72 35.52 33.08
CA ILE A 287 -8.59 35.77 31.95
C ILE A 287 -8.13 36.99 31.17
N VAL A 288 -7.68 38.00 31.90
CA VAL A 288 -7.22 39.22 31.28
C VAL A 288 -6.00 38.96 30.42
N PHE A 289 -5.10 38.09 30.87
CA PHE A 289 -3.90 37.80 30.08
C PHE A 289 -4.16 36.78 29.00
N TYR A 290 -5.20 36.00 29.15
CA TYR A 290 -5.61 35.06 28.13
C TYR A 290 -6.13 35.80 26.93
N ILE A 291 -6.85 36.88 27.18
CA ILE A 291 -7.46 37.67 26.13
C ILE A 291 -6.51 38.68 25.51
N ILE A 292 -5.54 39.17 26.27
CA ILE A 292 -4.55 40.09 25.75
C ILE A 292 -3.54 39.41 24.86
N SER A 293 -3.31 38.13 25.10
CA SER A 293 -2.41 37.30 24.31
C SER A 293 -3.04 36.91 22.98
N SER A 294 -4.30 36.48 23.01
CA SER A 294 -4.96 36.02 21.79
C SER A 294 -5.09 37.15 20.77
N CYS A 295 -5.52 38.33 21.23
CA CYS A 295 -5.66 39.47 20.32
C CYS A 295 -4.31 39.91 19.77
N TYR A 296 -3.28 39.90 20.61
CA TYR A 296 -1.95 40.34 20.17
C TYR A 296 -1.38 39.42 19.11
N THR A 297 -1.46 38.11 19.33
CA THR A 297 -0.96 37.17 18.33
C THR A 297 -1.79 37.22 17.05
N LEU A 298 -3.11 37.37 17.16
CA LEU A 298 -3.95 37.38 15.96
C LEU A 298 -3.70 38.62 15.11
N ILE A 299 -3.64 39.80 15.73
CA ILE A 299 -3.38 41.01 14.96
C ILE A 299 -2.01 40.95 14.32
N TRP A 300 -1.01 40.43 15.05
CA TRP A 300 0.30 40.29 14.44
C TRP A 300 0.25 39.36 13.23
N ASP A 301 -0.38 38.20 13.38
CA ASP A 301 -0.54 37.28 12.26
C ASP A 301 -1.07 37.99 11.04
N LEU A 302 -2.27 38.55 11.15
CA LEU A 302 -2.97 39.09 9.99
C LEU A 302 -2.22 40.26 9.36
N LYS A 303 -1.87 41.26 10.13
CA LYS A 303 -1.22 42.43 9.56
C LYS A 303 0.27 42.38 9.28
N MET A 304 1.06 41.70 10.10
CA MET A 304 2.50 41.65 9.92
C MET A 304 2.99 40.36 9.29
N ASP A 305 2.42 39.22 9.62
CA ASP A 305 2.91 37.97 9.05
C ASP A 305 2.43 37.79 7.62
N TRP A 306 1.13 37.95 7.38
CA TRP A 306 0.56 37.77 6.06
C TRP A 306 0.49 39.05 5.25
N GLY A 307 0.57 40.22 5.89
CA GLY A 307 0.63 41.46 5.15
C GLY A 307 -0.67 41.86 4.49
N LEU A 308 -1.80 41.50 5.08
CA LEU A 308 -3.11 41.80 4.53
C LEU A 308 -3.62 43.11 5.11
N PHE A 309 -4.87 43.46 4.78
CA PHE A 309 -5.49 44.72 5.20
C PHE A 309 -4.64 45.92 4.81
N ASP A 310 -4.11 45.91 3.59
CA ASP A 310 -3.20 46.95 3.16
C ASP A 310 -3.98 48.12 2.56
N LYS A 311 -3.36 49.30 2.57
CA LYS A 311 -4.04 50.51 2.11
C LYS A 311 -4.29 50.53 0.60
N ASN A 312 -3.34 50.05 -0.20
CA ASN A 312 -3.47 50.09 -1.65
C ASN A 312 -3.96 48.76 -2.22
N ALA A 313 -4.86 48.09 -1.52
CA ALA A 313 -5.38 46.81 -1.97
C ALA A 313 -6.05 46.92 -3.34
N GLY A 314 -6.82 47.99 -3.55
CA GLY A 314 -7.46 48.17 -4.83
C GLY A 314 -8.58 47.17 -5.04
N GLU A 315 -8.44 46.37 -6.10
CA GLU A 315 -9.50 45.42 -6.46
C GLU A 315 -9.64 44.30 -5.43
N ASN A 316 -8.53 43.66 -5.04
CA ASN A 316 -8.58 42.60 -4.05
C ASN A 316 -8.84 43.25 -2.70
N THR A 317 -10.12 43.38 -2.37
CA THR A 317 -10.50 44.16 -1.21
C THR A 317 -10.31 43.35 0.07
N PHE A 318 -9.80 44.03 1.10
CA PHE A 318 -9.32 43.51 2.39
C PHE A 318 -8.01 42.74 2.26
N LEU A 319 -7.52 42.51 1.06
CA LEU A 319 -6.30 41.77 0.83
C LEU A 319 -5.17 42.75 0.53
N ARG A 320 -4.10 42.24 -0.06
CA ARG A 320 -3.00 43.10 -0.43
C ARG A 320 -3.13 43.31 -1.91
N GLU A 321 -2.14 43.93 -2.54
CA GLU A 321 -2.27 44.28 -3.95
C GLU A 321 -2.01 43.08 -4.85
N GLU A 322 -0.96 42.31 -4.55
CA GLU A 322 -0.59 41.14 -5.34
C GLU A 322 -0.96 39.89 -4.56
N ILE A 323 -1.55 38.92 -5.25
CA ILE A 323 -1.81 37.59 -4.69
C ILE A 323 -1.27 36.56 -5.67
N VAL A 324 -0.75 35.47 -5.13
CA VAL A 324 -0.12 34.43 -5.94
C VAL A 324 -1.01 33.20 -6.08
N TYR A 325 -1.75 32.86 -5.05
CA TYR A 325 -2.67 31.74 -5.16
C TYR A 325 -3.93 32.17 -5.90
N PRO A 326 -4.47 31.31 -6.77
CA PRO A 326 -5.45 31.80 -7.76
C PRO A 326 -6.71 32.39 -7.17
N GLN A 327 -7.34 31.74 -6.19
CA GLN A 327 -8.67 32.09 -5.73
C GLN A 327 -8.61 32.99 -4.51
N LYS A 328 -9.46 34.02 -4.47
CA LYS A 328 -9.61 34.83 -3.26
C LYS A 328 -10.31 34.06 -2.16
N ALA A 329 -11.08 33.04 -2.51
CA ALA A 329 -11.77 32.25 -1.50
C ALA A 329 -10.77 31.65 -0.52
N TYR A 330 -9.61 31.23 -1.02
CA TYR A 330 -8.57 30.70 -0.13
C TYR A 330 -8.20 31.70 0.93
N TYR A 331 -7.99 32.96 0.55
CA TYR A 331 -7.58 33.98 1.51
C TYR A 331 -8.67 34.25 2.54
N TYR A 332 -9.93 34.25 2.10
CA TYR A 332 -11.01 34.57 3.04
C TYR A 332 -11.25 33.42 4.02
N CYS A 333 -11.28 32.18 3.52
CA CYS A 333 -11.35 31.03 4.41
C CYS A 333 -10.18 31.01 5.37
N ALA A 334 -8.99 31.39 4.91
CA ALA A 334 -7.82 31.42 5.78
C ALA A 334 -7.98 32.44 6.88
N ILE A 335 -8.50 33.63 6.56
CA ILE A 335 -8.70 34.66 7.59
C ILE A 335 -9.65 34.16 8.66
N ILE A 336 -10.79 33.59 8.25
CA ILE A 336 -11.78 33.13 9.22
C ILE A 336 -11.22 31.98 10.05
N GLU A 337 -10.54 31.04 9.39
CA GLU A 337 -9.98 29.90 10.10
C GLU A 337 -8.95 30.33 11.14
N ASP A 338 -8.05 31.23 10.77
CA ASP A 338 -7.05 31.71 11.73
C ASP A 338 -7.72 32.45 12.88
N VAL A 339 -8.77 33.21 12.60
CA VAL A 339 -9.45 33.94 13.66
C VAL A 339 -10.06 32.99 14.67
N ILE A 340 -10.68 31.89 14.22
CA ILE A 340 -11.35 31.00 15.17
C ILE A 340 -10.41 29.99 15.80
N LEU A 341 -9.23 29.74 15.23
CA LEU A 341 -8.27 28.82 15.83
C LEU A 341 -7.26 29.51 16.72
N ARG A 342 -7.04 30.82 16.56
CA ARG A 342 -6.19 31.55 17.49
C ARG A 342 -6.86 31.65 18.85
N PHE A 343 -8.17 31.48 18.94
CA PHE A 343 -8.79 31.50 20.25
C PHE A 343 -8.72 30.12 20.92
N ALA A 344 -8.76 29.07 20.12
CA ALA A 344 -8.61 27.69 20.57
C ALA A 344 -7.20 27.36 21.11
N TRP A 345 -6.15 27.92 20.52
CA TRP A 345 -4.77 27.67 20.93
C TRP A 345 -4.45 28.07 22.35
N THR A 346 -4.83 29.27 22.75
CA THR A 346 -4.57 29.73 24.10
C THR A 346 -5.28 28.93 25.20
N ILE A 347 -6.51 28.46 24.96
CA ILE A 347 -7.17 27.67 26.00
C ILE A 347 -6.40 26.38 26.30
N GLN A 348 -6.00 25.62 25.28
CA GLN A 348 -5.27 24.40 25.59
C GLN A 348 -3.85 24.58 26.16
N ILE A 349 -3.31 25.79 26.15
CA ILE A 349 -1.99 26.01 26.71
C ILE A 349 -2.10 26.23 28.21
N SER A 350 -3.15 26.94 28.61
CA SER A 350 -3.42 27.19 30.02
C SER A 350 -3.95 25.96 30.72
N ILE A 351 -4.75 25.21 29.98
CA ILE A 351 -5.47 24.02 30.41
C ILE A 351 -4.48 22.89 30.71
N THR A 352 -3.39 22.79 29.95
CA THR A 352 -2.40 21.74 30.20
C THR A 352 -1.77 21.84 31.58
N SER A 353 -1.59 23.08 32.05
CA SER A 353 -1.03 23.34 33.38
C SER A 353 -2.11 23.27 34.46
N THR A 354 -2.94 22.23 34.38
CA THR A 354 -4.05 21.86 35.31
C THR A 354 -5.21 22.81 35.70
N THR A 355 -5.72 23.61 34.76
CA THR A 355 -6.88 24.48 35.06
C THR A 355 -8.23 23.76 35.30
N LEU A 356 -8.54 22.75 34.50
CA LEU A 356 -9.83 22.07 34.66
C LEU A 356 -9.74 20.91 35.64
N LEU A 357 -10.77 20.08 35.63
CA LEU A 357 -10.83 18.90 36.46
C LEU A 357 -10.09 17.97 35.52
N PRO A 358 -9.62 16.83 36.05
CA PRO A 358 -9.04 15.64 35.43
C PRO A 358 -9.71 14.89 34.28
N HIS A 359 -11.03 14.76 34.38
CA HIS A 359 -11.89 14.24 33.33
C HIS A 359 -12.25 15.20 32.18
N SER A 360 -12.50 16.47 32.51
CA SER A 360 -12.90 17.46 31.51
C SER A 360 -11.78 18.14 30.73
N GLY A 361 -10.54 17.76 31.01
CA GLY A 361 -9.39 18.35 30.35
C GLY A 361 -8.62 17.58 29.29
N ASP A 362 -8.42 16.30 29.52
CA ASP A 362 -7.66 15.44 28.60
C ASP A 362 -8.27 15.23 27.23
N ILE A 363 -9.57 15.39 27.10
CA ILE A 363 -10.20 15.25 25.79
C ILE A 363 -10.14 16.55 24.99
N ILE A 364 -10.01 17.70 25.67
CA ILE A 364 -9.89 18.98 25.00
C ILE A 364 -8.50 19.14 24.37
N ALA A 365 -7.45 18.78 25.11
CA ALA A 365 -6.10 18.89 24.57
C ALA A 365 -5.90 17.91 23.42
N THR A 366 -6.39 16.69 23.56
CA THR A 366 -6.18 15.68 22.52
C THR A 366 -6.93 16.03 21.25
N VAL A 367 -8.04 16.75 21.36
CA VAL A 367 -8.77 17.14 20.16
C VAL A 367 -8.19 18.41 19.56
N PHE A 368 -7.68 19.32 20.37
CA PHE A 368 -7.24 20.62 19.88
C PHE A 368 -5.77 20.66 19.46
N ALA A 369 -4.98 19.63 19.76
CA ALA A 369 -3.58 19.64 19.30
C ALA A 369 -3.46 19.51 17.79
N PRO A 370 -4.10 18.53 17.12
CA PRO A 370 -3.99 18.48 15.66
C PRO A 370 -4.55 19.70 14.96
N LEU A 371 -5.48 20.42 15.60
CA LEU A 371 -6.01 21.63 15.00
C LEU A 371 -4.98 22.76 15.08
N GLU A 372 -4.13 22.76 16.10
CA GLU A 372 -3.03 23.73 16.15
C GLU A 372 -1.99 23.42 15.08
N VAL A 373 -1.69 22.15 14.87
CA VAL A 373 -0.79 21.80 13.77
C VAL A 373 -1.40 22.21 12.43
N PHE A 374 -2.72 22.09 12.31
CA PHE A 374 -3.39 22.51 11.08
C PHE A 374 -3.31 24.03 10.89
N ARG A 375 -3.42 24.79 11.99
CA ARG A 375 -3.30 26.24 11.87
C ARG A 375 -1.91 26.65 11.44
N ARG A 376 -0.88 25.96 11.93
CA ARG A 376 0.48 26.27 11.48
C ARG A 376 0.69 25.88 10.02
N PHE A 377 0.06 24.78 9.59
CA PHE A 377 0.11 24.39 8.19
C PHE A 377 -0.48 25.47 7.28
N VAL A 378 -1.59 26.07 7.70
CA VAL A 378 -2.17 27.14 6.90
C VAL A 378 -1.34 28.42 6.99
N TRP A 379 -0.72 28.68 8.14
CA TRP A 379 0.11 29.87 8.30
C TRP A 379 1.30 29.87 7.36
N ASN A 380 1.84 28.68 7.07
CA ASN A 380 3.06 28.58 6.28
C ASN A 380 2.89 29.17 4.89
N PHE A 381 1.75 28.91 4.24
CA PHE A 381 1.53 29.36 2.87
C PHE A 381 1.70 30.86 2.74
N PHE A 382 0.90 31.62 3.49
CA PHE A 382 0.90 33.06 3.31
C PHE A 382 2.10 33.71 3.95
N ARG A 383 2.74 33.08 4.92
CA ARG A 383 3.97 33.65 5.45
C ARG A 383 5.08 33.59 4.40
N LEU A 384 5.27 32.43 3.78
CA LEU A 384 6.30 32.33 2.74
C LEU A 384 5.95 33.20 1.53
N GLU A 385 4.65 33.31 1.22
CA GLU A 385 4.25 34.15 0.10
C GLU A 385 4.50 35.62 0.38
N ASN A 386 4.20 36.08 1.60
CA ASN A 386 4.46 37.47 1.94
C ASN A 386 5.95 37.73 2.12
N GLU A 387 6.74 36.69 2.32
CA GLU A 387 8.19 36.87 2.29
C GLU A 387 8.67 37.08 0.86
N HIS A 388 8.33 36.12 -0.02
CA HIS A 388 8.72 36.20 -1.43
C HIS A 388 8.30 37.52 -2.05
N LEU A 389 7.08 37.97 -1.75
CA LEU A 389 6.60 39.27 -2.18
C LEU A 389 6.94 40.30 -1.10
N ASN A 390 7.79 41.25 -1.43
CA ASN A 390 8.03 42.44 -0.60
C ASN A 390 8.86 42.15 0.64
N ASN A 391 9.82 41.22 0.57
CA ASN A 391 10.83 40.93 1.61
C ASN A 391 10.66 41.10 3.13
N CYS A 392 9.42 40.92 3.59
CA CYS A 392 9.02 41.33 4.93
C CYS A 392 9.91 41.16 6.16
N GLY A 393 10.61 40.05 6.31
CA GLY A 393 11.44 39.87 7.49
C GLY A 393 12.78 40.56 7.47
N GLU A 394 13.14 41.21 6.37
CA GLU A 394 14.42 41.90 6.18
C GLU A 394 15.62 40.98 6.41
N PHE A 395 15.49 39.73 6.00
CA PHE A 395 16.55 38.77 6.19
C PHE A 395 17.55 38.79 5.06
N ARG A 396 17.08 38.97 3.83
CA ARG A 396 18.03 39.09 2.72
C ARG A 396 18.45 40.53 2.46
N ALA A 397 17.54 41.47 2.66
CA ALA A 397 17.87 42.89 2.49
C ALA A 397 18.49 43.25 1.13
N VAL A 398 17.97 42.67 0.06
CA VAL A 398 18.46 42.99 -1.28
C VAL A 398 18.34 44.48 -1.55
N ALA B 1 5.06 5.82 -17.79
CA ALA B 1 3.75 5.89 -17.17
C ALA B 1 3.64 7.12 -16.29
N PRO B 2 2.43 7.68 -16.18
CA PRO B 2 2.23 8.84 -15.30
C PRO B 2 2.41 8.46 -13.83
N ALA B 3 2.56 9.50 -13.00
CA ALA B 3 2.88 9.28 -11.59
C ALA B 3 1.70 8.68 -10.83
N TRP B 4 0.48 9.01 -11.24
CA TRP B 4 -0.68 8.46 -10.54
C TRP B 4 -0.80 6.96 -10.78
N THR B 5 -0.35 6.49 -11.94
CA THR B 5 -0.40 5.06 -12.23
C THR B 5 0.54 4.29 -11.31
N THR B 6 1.77 4.78 -11.15
CA THR B 6 2.72 4.12 -10.25
C THR B 6 2.25 4.21 -8.81
N PHE B 7 1.63 5.34 -8.44
CA PHE B 7 1.07 5.45 -7.10
C PHE B 7 0.00 4.40 -6.86
N ARG B 8 -0.86 4.16 -7.84
CA ARG B 8 -1.93 3.17 -7.72
C ARG B 8 -1.41 1.75 -7.71
N VAL B 9 -0.36 1.48 -8.45
CA VAL B 9 0.29 0.16 -8.40
C VAL B 9 0.80 -0.12 -7.00
N GLY B 10 1.57 0.82 -6.44
CA GLY B 10 2.11 0.62 -5.10
C GLY B 10 1.03 0.53 -4.04
N LEU B 11 -0.01 1.37 -4.17
CA LEU B 11 -1.10 1.36 -3.21
C LEU B 11 -1.77 -0.01 -3.13
N PHE B 12 -2.13 -0.56 -4.30
CA PHE B 12 -2.82 -1.84 -4.32
C PHE B 12 -1.89 -2.97 -3.88
N CYS B 13 -0.60 -2.88 -4.20
CA CYS B 13 0.34 -3.89 -3.73
C CYS B 13 0.45 -3.89 -2.21
N GLY B 14 0.49 -2.70 -1.59
CA GLY B 14 0.60 -2.64 -0.13
C GLY B 14 -0.63 -3.14 0.58
N ILE B 15 -1.81 -2.76 0.08
CA ILE B 15 -3.04 -3.29 0.66
C ILE B 15 -3.09 -4.81 0.52
N PHE B 16 -2.69 -5.31 -0.65
CA PHE B 16 -2.67 -6.76 -0.88
C PHE B 16 -1.76 -7.46 0.11
N ILE B 17 -0.58 -6.91 0.38
CA ILE B 17 0.38 -7.55 1.29
C ILE B 17 -0.22 -7.68 2.69
N VAL B 18 -0.73 -6.57 3.23
CA VAL B 18 -1.25 -6.62 4.60
C VAL B 18 -2.47 -7.53 4.68
N LEU B 19 -3.32 -7.50 3.64
CA LEU B 19 -4.48 -8.38 3.62
C LEU B 19 -4.07 -9.85 3.62
N ASN B 20 -2.97 -10.18 2.94
CA ASN B 20 -2.50 -11.57 2.94
C ASN B 20 -2.01 -11.99 4.31
N ILE B 21 -1.26 -11.12 4.99
CA ILE B 21 -0.75 -11.47 6.32
C ILE B 21 -1.91 -11.72 7.29
N THR B 22 -2.90 -10.84 7.31
CA THR B 22 -4.02 -11.05 8.22
C THR B 22 -4.83 -12.27 7.82
N LEU B 23 -4.89 -12.58 6.53
CA LEU B 23 -5.55 -13.80 6.08
C LEU B 23 -4.87 -15.03 6.69
N VAL B 24 -3.54 -15.08 6.63
CA VAL B 24 -2.82 -16.23 7.18
C VAL B 24 -3.04 -16.34 8.68
N LEU B 25 -2.95 -15.22 9.40
CA LEU B 25 -3.10 -15.30 10.86
C LEU B 25 -4.50 -15.72 11.26
N ALA B 26 -5.52 -15.20 10.57
CA ALA B 26 -6.89 -15.63 10.86
C ALA B 26 -7.08 -17.10 10.53
N ALA B 27 -6.39 -17.58 9.49
CA ALA B 27 -6.48 -18.99 9.14
C ALA B 27 -5.89 -19.87 10.24
N VAL B 28 -4.76 -19.45 10.82
CA VAL B 28 -4.14 -20.28 11.84
C VAL B 28 -4.72 -20.07 13.23
N PHE B 29 -5.67 -19.15 13.40
CA PHE B 29 -6.33 -18.94 14.71
C PHE B 29 -7.86 -18.96 14.74
N LYS B 30 -8.50 -18.06 13.99
CA LYS B 30 -9.96 -17.95 14.00
C LYS B 30 -10.73 -19.19 13.50
N LEU B 31 -10.23 -19.85 12.46
CA LEU B 31 -10.94 -21.00 11.89
C LEU B 31 -11.16 -22.17 12.84
N GLU B 32 -12.18 -22.98 12.57
CA GLU B 32 -12.51 -24.10 13.46
C GLU B 32 -12.21 -25.46 12.85
N THR B 33 -11.62 -26.36 13.63
CA THR B 33 -11.21 -27.68 13.11
C THR B 33 -12.25 -28.66 12.59
N ASP B 34 -13.42 -28.73 13.21
CA ASP B 34 -14.39 -29.75 12.82
C ASP B 34 -14.92 -29.72 11.39
N ARG B 35 -15.21 -28.54 10.86
CA ARG B 35 -15.77 -28.44 9.51
C ARG B 35 -14.79 -28.61 8.36
N SER B 36 -15.28 -28.97 7.17
CA SER B 36 -14.41 -29.18 5.99
C SER B 36 -14.10 -27.90 5.22
N ILE B 37 -12.82 -27.66 4.95
CA ILE B 37 -12.42 -26.47 4.21
C ILE B 37 -12.13 -26.68 2.73
N TRP B 38 -12.37 -27.88 2.20
CA TRP B 38 -12.04 -28.16 0.81
C TRP B 38 -12.91 -27.49 -0.27
N PRO B 39 -14.26 -27.57 -0.17
CA PRO B 39 -15.07 -26.81 -1.15
C PRO B 39 -14.64 -25.36 -1.28
N LEU B 40 -14.27 -24.78 -0.14
CA LEU B 40 -13.82 -23.41 -0.02
C LEU B 40 -12.51 -23.14 -0.76
N ILE B 41 -11.63 -24.12 -0.76
CA ILE B 41 -10.34 -24.09 -1.45
C ILE B 41 -10.53 -24.29 -2.95
N ARG B 42 -11.36 -25.27 -3.29
CA ARG B 42 -11.65 -25.57 -4.67
C ARG B 42 -12.36 -24.44 -5.38
N ILE B 43 -13.09 -23.62 -4.65
CA ILE B 43 -13.83 -22.51 -5.25
C ILE B 43 -12.92 -21.31 -5.47
N TYR B 44 -12.03 -21.02 -4.51
CA TYR B 44 -11.18 -19.84 -4.61
C TYR B 44 -9.89 -20.07 -5.40
N ARG B 45 -9.54 -21.33 -5.68
CA ARG B 45 -8.32 -21.62 -6.42
C ARG B 45 -8.33 -20.96 -7.79
N GLY B 46 -9.48 -20.91 -8.46
CA GLY B 46 -9.52 -20.37 -9.80
C GLY B 46 -9.19 -18.89 -9.84
N GLY B 47 -9.78 -18.11 -8.93
CA GLY B 47 -9.45 -16.70 -8.88
C GLY B 47 -8.00 -16.45 -8.52
N PHE B 48 -7.44 -17.28 -7.63
CA PHE B 48 -6.03 -17.15 -7.30
C PHE B 48 -5.16 -17.35 -8.54
N LEU B 49 -5.46 -18.37 -9.34
CA LEU B 49 -4.65 -18.65 -10.52
C LEU B 49 -4.78 -17.55 -11.55
N LEU B 50 -5.96 -16.94 -11.67
CA LEU B 50 -6.13 -15.85 -12.62
C LEU B 50 -5.32 -14.62 -12.22
N ILE B 51 -5.32 -14.28 -10.92
CA ILE B 51 -4.55 -13.14 -10.46
C ILE B 51 -3.06 -13.37 -10.67
N GLU B 52 -2.57 -14.56 -10.34
CA GLU B 52 -1.17 -14.88 -10.58
C GLU B 52 -0.81 -14.79 -12.04
N PHE B 53 -1.69 -15.26 -12.92
CA PHE B 53 -1.41 -15.20 -14.36
C PHE B 53 -1.27 -13.76 -14.84
N LEU B 54 -2.13 -12.86 -14.35
CA LEU B 54 -2.03 -11.47 -14.79
C LEU B 54 -0.74 -10.81 -14.31
N PHE B 55 -0.34 -11.09 -13.06
CA PHE B 55 0.92 -10.54 -12.55
C PHE B 55 2.11 -11.03 -13.38
N LEU B 56 2.23 -12.32 -13.56
CA LEU B 56 3.35 -12.86 -14.31
C LEU B 56 3.36 -12.33 -15.72
N LEU B 57 2.20 -12.08 -16.29
CA LEU B 57 2.05 -11.52 -17.63
C LEU B 57 2.61 -10.12 -17.71
N GLY B 58 2.45 -9.35 -16.64
CA GLY B 58 3.01 -8.02 -16.52
C GLY B 58 4.53 -8.09 -16.50
N ILE B 59 5.12 -9.10 -15.85
CA ILE B 59 6.57 -9.28 -15.90
C ILE B 59 7.01 -9.69 -17.30
N ASN B 60 6.19 -10.47 -18.00
CA ASN B 60 6.52 -10.84 -19.38
C ASN B 60 6.58 -9.62 -20.28
N THR B 61 5.61 -8.70 -20.14
CA THR B 61 5.61 -7.50 -20.96
C THR B 61 6.84 -6.65 -20.71
N TYR B 62 7.24 -6.49 -19.44
CA TYR B 62 8.46 -5.76 -19.15
C TYR B 62 9.67 -6.41 -19.82
N GLY B 63 9.79 -7.73 -19.71
CA GLY B 63 10.93 -8.42 -20.31
C GLY B 63 10.98 -8.28 -21.82
N TRP B 64 9.83 -8.41 -22.49
CA TRP B 64 9.82 -8.23 -23.94
C TRP B 64 10.22 -6.82 -24.32
N ARG B 65 9.72 -5.79 -23.64
CA ARG B 65 10.03 -4.41 -24.04
C ARG B 65 11.52 -4.11 -23.92
N GLN B 66 12.10 -4.42 -22.77
CA GLN B 66 13.52 -4.17 -22.54
C GLN B 66 14.48 -4.91 -23.45
N ALA B 67 14.20 -6.17 -23.73
CA ALA B 67 15.09 -6.97 -24.55
C ALA B 67 14.98 -6.63 -26.01
N GLY B 68 13.93 -5.93 -26.39
CA GLY B 68 13.85 -5.52 -27.78
C GLY B 68 12.99 -6.40 -28.65
N VAL B 69 12.13 -7.23 -28.07
CA VAL B 69 11.23 -8.07 -28.85
C VAL B 69 9.99 -7.27 -29.22
N ASN B 70 9.74 -7.12 -30.51
CA ASN B 70 8.63 -6.30 -30.99
C ASN B 70 7.34 -7.10 -30.86
N HIS B 71 6.76 -7.05 -29.66
CA HIS B 71 5.53 -7.79 -29.40
C HIS B 71 4.29 -7.05 -29.88
N VAL B 72 4.43 -5.78 -30.25
CA VAL B 72 3.30 -5.04 -30.79
C VAL B 72 3.09 -5.40 -32.25
N LEU B 73 4.17 -5.71 -32.96
CA LEU B 73 4.03 -6.10 -34.36
C LEU B 73 3.53 -7.53 -34.49
N ILE B 74 3.93 -8.40 -33.56
CA ILE B 74 3.54 -9.81 -33.65
C ILE B 74 2.08 -9.98 -33.29
N PHE B 75 1.63 -9.41 -32.17
CA PHE B 75 0.22 -9.43 -31.81
C PHE B 75 -0.64 -8.57 -32.72
N GLU B 76 -0.02 -7.73 -33.56
CA GLU B 76 -0.74 -6.78 -34.43
C GLU B 76 -1.63 -5.83 -33.63
N LEU B 77 -1.12 -5.32 -32.51
CA LEU B 77 -1.87 -4.35 -31.73
C LEU B 77 -1.59 -2.96 -32.30
N ASN B 78 -2.40 -1.97 -31.94
CA ASN B 78 -2.20 -0.60 -32.42
C ASN B 78 -0.97 0.01 -31.80
N PRO B 79 -0.12 0.63 -32.62
CA PRO B 79 1.11 1.24 -32.12
C PRO B 79 0.89 2.39 -31.14
N ARG B 80 -0.08 3.25 -31.42
CA ARG B 80 -0.38 4.41 -30.59
C ARG B 80 -0.76 4.10 -29.13
N SER B 81 -1.85 3.35 -28.93
CA SER B 81 -2.30 3.02 -27.58
C SER B 81 -2.05 1.56 -27.21
N ASN B 82 -1.19 1.32 -26.22
CA ASN B 82 -0.89 -0.05 -25.75
C ASN B 82 -0.78 -0.08 -24.25
N LEU B 83 -1.21 -1.17 -23.63
CA LEU B 83 -1.07 -1.28 -22.20
C LEU B 83 0.40 -1.58 -21.93
N SER B 84 0.97 -1.00 -20.88
CA SER B 84 2.33 -1.29 -20.52
C SER B 84 2.19 -2.11 -19.28
N HIS B 85 3.31 -2.56 -18.71
CA HIS B 85 3.26 -3.44 -17.55
C HIS B 85 2.61 -2.91 -16.30
N GLN B 86 2.66 -1.60 -16.09
CA GLN B 86 2.07 -0.97 -14.93
C GLN B 86 0.58 -1.11 -14.88
N HIS B 87 -0.09 -1.01 -16.03
CA HIS B 87 -1.53 -1.22 -16.11
C HIS B 87 -1.95 -2.63 -15.76
N LEU B 88 -1.16 -3.63 -16.16
CA LEU B 88 -1.42 -5.02 -15.79
C LEU B 88 -1.21 -5.24 -14.32
N PHE B 89 -0.11 -4.74 -13.75
CA PHE B 89 0.12 -4.78 -12.31
C PHE B 89 -1.04 -4.15 -11.55
N GLU B 90 -1.65 -3.11 -12.11
CA GLU B 90 -2.76 -2.43 -11.45
C GLU B 90 -4.03 -3.29 -11.43
N ILE B 91 -4.36 -3.89 -12.58
CA ILE B 91 -5.51 -4.78 -12.64
C ILE B 91 -5.32 -5.96 -11.69
N ALA B 92 -4.12 -6.56 -11.70
CA ALA B 92 -3.85 -7.67 -10.81
C ALA B 92 -4.03 -7.28 -9.35
N GLY B 93 -3.48 -6.13 -8.95
CA GLY B 93 -3.61 -5.71 -7.56
C GLY B 93 -5.04 -5.47 -7.15
N PHE B 94 -5.83 -4.86 -8.03
CA PHE B 94 -7.22 -4.56 -7.70
C PHE B 94 -8.03 -5.83 -7.53
N LEU B 95 -7.94 -6.75 -8.49
CA LEU B 95 -8.67 -8.02 -8.38
C LEU B 95 -8.17 -8.83 -7.20
N GLY B 96 -6.89 -8.70 -6.85
CA GLY B 96 -6.37 -9.39 -5.67
C GLY B 96 -6.93 -8.84 -4.38
N ILE B 97 -7.16 -7.53 -4.32
CA ILE B 97 -7.80 -6.94 -3.15
C ILE B 97 -9.21 -7.47 -2.99
N LEU B 98 -9.96 -7.56 -4.09
CA LEU B 98 -11.32 -8.11 -3.99
C LEU B 98 -11.30 -9.58 -3.59
N TRP B 99 -10.36 -10.36 -4.12
CA TRP B 99 -10.23 -11.76 -3.72
C TRP B 99 -9.94 -11.89 -2.22
N CYS B 100 -8.98 -11.11 -1.72
CA CYS B 100 -8.64 -11.17 -0.31
C CYS B 100 -9.80 -10.74 0.57
N LEU B 101 -10.52 -9.69 0.17
CA LEU B 101 -11.66 -9.22 0.96
C LEU B 101 -12.77 -10.26 1.02
N SER B 102 -13.08 -10.89 -0.12
CA SER B 102 -14.15 -11.88 -0.14
C SER B 102 -13.78 -13.10 0.70
N LEU B 103 -12.54 -13.59 0.56
CA LEU B 103 -12.13 -14.73 1.36
C LEU B 103 -12.12 -14.40 2.85
N LEU B 104 -11.62 -13.19 3.19
CA LEU B 104 -11.63 -12.74 4.59
C LEU B 104 -13.04 -12.70 5.15
N ALA B 105 -14.00 -12.17 4.37
CA ALA B 105 -15.38 -12.13 4.83
C ALA B 105 -15.95 -13.53 4.97
N CYS B 106 -15.44 -14.48 4.20
CA CYS B 106 -15.89 -15.86 4.34
C CYS B 106 -15.34 -16.50 5.61
N PHE B 107 -14.15 -16.08 6.05
CA PHE B 107 -13.59 -16.59 7.29
C PHE B 107 -14.31 -16.00 8.49
N PHE B 108 -14.47 -14.68 8.52
CA PHE B 108 -15.20 -13.99 9.57
C PHE B 108 -16.70 -14.09 9.32
N ALA B 109 -17.48 -13.32 10.06
CA ALA B 109 -18.91 -13.15 9.81
C ALA B 109 -19.26 -11.69 10.02
N PRO B 110 -18.82 -10.81 9.13
CA PRO B 110 -18.98 -9.37 9.37
C PRO B 110 -20.43 -8.91 9.43
N ILE B 111 -21.34 -9.65 8.78
CA ILE B 111 -22.75 -9.35 8.78
C ILE B 111 -23.52 -10.62 9.10
N SER B 112 -24.40 -10.56 10.09
CA SER B 112 -25.14 -11.71 10.55
C SER B 112 -26.14 -12.17 9.48
N VAL B 113 -26.90 -11.22 8.95
CA VAL B 113 -28.00 -11.48 8.02
C VAL B 113 -27.54 -12.26 6.80
N ILE B 114 -26.52 -11.73 6.12
CA ILE B 114 -26.02 -12.34 4.88
C ILE B 114 -25.49 -13.75 5.06
N PRO B 115 -26.04 -14.69 4.30
CA PRO B 115 -25.50 -16.04 4.37
C PRO B 115 -24.12 -16.13 3.75
N THR B 116 -23.27 -17.04 4.22
CA THR B 116 -21.89 -17.12 3.73
C THR B 116 -21.70 -17.43 2.25
N TYR B 117 -22.59 -18.23 1.66
CA TYR B 117 -22.46 -18.62 0.26
C TYR B 117 -22.55 -17.44 -0.72
N VAL B 118 -23.12 -16.33 -0.29
CA VAL B 118 -23.22 -15.14 -1.12
C VAL B 118 -21.88 -14.56 -1.54
N TYR B 119 -20.89 -14.56 -0.65
CA TYR B 119 -19.60 -13.91 -0.97
C TYR B 119 -18.81 -14.47 -2.17
N PRO B 120 -18.75 -15.80 -2.32
CA PRO B 120 -18.08 -16.37 -3.48
C PRO B 120 -18.78 -15.91 -4.75
N LEU B 121 -20.11 -15.90 -4.73
CA LEU B 121 -20.94 -15.45 -5.82
C LEU B 121 -20.75 -13.98 -6.14
N ALA B 122 -20.59 -13.15 -5.12
CA ALA B 122 -20.40 -11.71 -5.29
C ALA B 122 -19.08 -11.31 -5.94
N LEU B 123 -18.03 -12.11 -5.73
CA LEU B 123 -16.70 -11.92 -6.31
C LEU B 123 -16.68 -12.21 -7.78
N TYR B 124 -17.16 -13.38 -8.17
CA TYR B 124 -17.11 -13.77 -9.56
C TYR B 124 -18.12 -12.99 -10.40
N GLY B 125 -19.24 -12.59 -9.80
CA GLY B 125 -20.16 -11.72 -10.51
C GLY B 125 -19.55 -10.38 -10.82
N PHE B 126 -18.84 -9.78 -9.88
CA PHE B 126 -18.17 -8.52 -10.17
C PHE B 126 -17.17 -8.63 -11.29
N MET B 127 -16.37 -9.69 -11.34
CA MET B 127 -15.33 -9.80 -12.35
C MET B 127 -15.92 -9.85 -13.75
N VAL B 128 -16.96 -10.66 -13.93
CA VAL B 128 -17.65 -10.69 -15.23
C VAL B 128 -18.18 -9.31 -15.61
N PHE B 129 -18.76 -8.59 -14.67
CA PHE B 129 -19.28 -7.25 -14.95
C PHE B 129 -18.24 -6.24 -15.37
N PHE B 130 -17.08 -6.27 -14.74
CA PHE B 130 -16.00 -5.36 -15.09
C PHE B 130 -15.58 -5.60 -16.53
N LEU B 131 -15.47 -6.86 -16.93
CA LEU B 131 -15.12 -7.20 -18.31
C LEU B 131 -16.17 -6.81 -19.34
N ILE B 132 -17.45 -7.02 -19.03
CA ILE B 132 -18.52 -6.74 -20.00
C ILE B 132 -19.27 -5.42 -19.82
N ASN B 133 -18.70 -4.46 -19.12
CA ASN B 133 -19.34 -3.17 -18.95
C ASN B 133 -19.47 -2.49 -20.30
N PRO B 134 -20.68 -2.04 -20.66
CA PRO B 134 -20.90 -1.33 -21.93
C PRO B 134 -20.27 0.05 -22.01
N THR B 135 -20.24 0.79 -20.91
CA THR B 135 -19.72 2.16 -20.92
C THR B 135 -18.22 2.29 -21.18
N LYS B 136 -17.81 3.45 -21.68
CA LYS B 136 -16.41 3.66 -21.99
C LYS B 136 -15.65 4.08 -20.74
N THR B 137 -15.55 3.17 -19.78
CA THR B 137 -14.79 3.44 -18.57
C THR B 137 -13.96 2.21 -18.22
N PHE B 138 -12.84 2.38 -17.53
CA PHE B 138 -11.99 1.25 -17.10
C PHE B 138 -11.34 0.37 -18.14
N TYR B 139 -10.46 0.92 -18.96
CA TYR B 139 -9.77 0.20 -20.04
C TYR B 139 -10.81 -0.45 -20.96
N TYR B 140 -11.62 0.40 -21.58
CA TYR B 140 -12.70 -0.13 -22.41
C TYR B 140 -12.16 -0.71 -23.71
N LYS B 141 -11.09 -0.12 -24.25
CA LYS B 141 -10.54 -0.65 -25.49
C LYS B 141 -9.90 -2.02 -25.27
N SER B 142 -9.20 -2.19 -24.16
CA SER B 142 -8.58 -3.47 -23.85
C SER B 142 -9.64 -4.55 -23.69
N ARG B 143 -10.67 -4.28 -22.91
CA ARG B 143 -11.72 -5.27 -22.69
C ARG B 143 -12.44 -5.62 -23.99
N PHE B 144 -12.63 -4.64 -24.87
CA PHE B 144 -13.31 -4.94 -26.13
C PHE B 144 -12.46 -5.77 -27.07
N TRP B 145 -11.16 -5.46 -27.17
CA TRP B 145 -10.25 -6.28 -27.95
C TRP B 145 -10.21 -7.72 -27.43
N LEU B 146 -10.10 -7.88 -26.11
CA LEU B 146 -10.07 -9.22 -25.53
C LEU B 146 -11.37 -9.96 -25.82
N LEU B 147 -12.50 -9.28 -25.78
CA LEU B 147 -13.77 -9.95 -25.99
C LEU B 147 -13.91 -10.44 -27.43
N LYS B 148 -13.50 -9.62 -28.40
CA LYS B 148 -13.52 -10.09 -29.77
C LYS B 148 -12.59 -11.26 -30.00
N LEU B 149 -11.41 -11.24 -29.36
CA LEU B 149 -10.48 -12.36 -29.50
C LEU B 149 -11.06 -13.64 -28.90
N LEU B 150 -11.68 -13.55 -27.74
CA LEU B 150 -12.27 -14.73 -27.12
C LEU B 150 -13.37 -15.35 -27.97
N PHE B 151 -14.14 -14.52 -28.67
CA PHE B 151 -15.20 -15.03 -29.53
C PHE B 151 -14.64 -15.87 -30.66
N ARG B 152 -13.56 -15.43 -31.28
CA ARG B 152 -12.94 -16.19 -32.35
C ARG B 152 -12.36 -17.53 -31.90
N VAL B 153 -11.73 -17.57 -30.73
CA VAL B 153 -11.14 -18.81 -30.22
C VAL B 153 -12.17 -19.90 -29.92
N PHE B 154 -13.33 -19.52 -29.38
CA PHE B 154 -14.35 -20.51 -29.01
C PHE B 154 -15.20 -20.95 -30.20
N THR B 155 -14.99 -20.35 -31.37
CA THR B 155 -15.69 -20.76 -32.57
C THR B 155 -14.53 -21.00 -33.51
N ALA B 156 -13.71 -22.00 -33.21
CA ALA B 156 -12.47 -22.23 -33.98
C ALA B 156 -12.44 -22.64 -35.46
N PRO B 157 -13.31 -23.58 -35.89
CA PRO B 157 -13.19 -23.96 -37.29
C PRO B 157 -13.50 -22.81 -38.23
N PHE B 158 -14.36 -21.88 -37.82
CA PHE B 158 -14.83 -20.82 -38.72
C PHE B 158 -13.99 -19.57 -39.04
N HIS B 159 -12.81 -19.40 -38.46
CA HIS B 159 -12.03 -18.18 -38.68
C HIS B 159 -10.60 -18.48 -39.10
N LYS B 160 -9.95 -17.58 -39.82
CA LYS B 160 -8.54 -17.78 -40.18
C LYS B 160 -7.61 -17.50 -39.01
N VAL B 161 -6.66 -18.40 -38.73
CA VAL B 161 -5.80 -18.25 -37.58
C VAL B 161 -4.74 -17.15 -37.67
N GLY B 162 -4.54 -16.40 -36.60
CA GLY B 162 -3.56 -15.33 -36.56
C GLY B 162 -2.82 -15.60 -35.27
N PHE B 163 -1.68 -14.96 -35.12
CA PHE B 163 -0.84 -15.18 -33.96
C PHE B 163 -1.56 -15.04 -32.64
N ALA B 164 -2.41 -14.05 -32.51
CA ALA B 164 -3.16 -13.82 -31.30
C ALA B 164 -4.13 -14.94 -30.96
N ASP B 165 -4.79 -15.53 -31.96
CA ASP B 165 -5.67 -16.67 -31.79
C ASP B 165 -4.94 -17.90 -31.32
N PHE B 166 -3.79 -18.16 -31.94
CA PHE B 166 -2.96 -19.29 -31.57
C PHE B 166 -2.42 -19.10 -30.17
N TRP B 167 -2.00 -17.89 -29.82
CA TRP B 167 -1.43 -17.57 -28.52
C TRP B 167 -2.38 -17.70 -27.34
N LEU B 168 -3.61 -17.22 -27.46
CA LEU B 168 -4.61 -17.30 -26.40
C LEU B 168 -5.09 -18.72 -26.19
N ALA B 169 -5.19 -19.52 -27.26
CA ALA B 169 -5.62 -20.91 -27.09
C ALA B 169 -4.58 -21.71 -26.32
N ASP B 170 -3.30 -21.42 -26.51
CA ASP B 170 -2.25 -22.08 -25.75
C ASP B 170 -2.29 -21.66 -24.30
N GLN B 171 -2.39 -20.36 -24.02
CA GLN B 171 -2.55 -19.91 -22.65
C GLN B 171 -3.71 -20.61 -21.97
N LEU B 172 -4.82 -20.81 -22.68
CA LEU B 172 -5.93 -21.56 -22.12
C LEU B 172 -5.58 -23.02 -21.89
N ASN B 173 -4.61 -23.61 -22.56
CA ASN B 173 -4.21 -25.00 -22.23
C ASN B 173 -3.60 -25.15 -20.83
N SER B 174 -2.91 -24.12 -20.33
CA SER B 174 -2.34 -24.14 -18.98
C SER B 174 -3.22 -23.59 -17.88
N LEU B 175 -4.40 -23.06 -18.25
CA LEU B 175 -5.32 -22.47 -17.29
C LEU B 175 -6.54 -23.31 -17.19
N SER B 176 -6.44 -24.59 -17.53
CA SER B 176 -7.58 -25.49 -17.52
C SER B 176 -8.22 -25.66 -16.15
N VAL B 177 -7.44 -25.53 -15.10
CA VAL B 177 -7.95 -25.70 -13.75
C VAL B 177 -9.05 -24.69 -13.41
N ILE B 178 -8.98 -23.48 -13.93
CA ILE B 178 -9.99 -22.49 -13.68
C ILE B 178 -11.35 -22.96 -14.20
N LEU B 179 -11.37 -23.59 -15.37
CA LEU B 179 -12.59 -24.15 -15.92
C LEU B 179 -13.15 -25.26 -15.06
N MET B 180 -12.29 -26.11 -14.53
CA MET B 180 -12.73 -27.17 -13.64
C MET B 180 -13.32 -26.64 -12.37
N ASP B 181 -12.72 -25.61 -11.78
CA ASP B 181 -13.24 -24.99 -10.57
C ASP B 181 -14.57 -24.36 -10.84
N LEU B 182 -14.72 -23.75 -12.00
CA LEU B 182 -16.01 -23.20 -12.38
C LEU B 182 -17.02 -24.31 -12.55
N GLU B 183 -16.73 -25.37 -13.28
CA GLU B 183 -17.73 -26.44 -13.36
C GLU B 183 -18.04 -27.00 -11.98
N TYR B 184 -17.02 -27.09 -11.11
CA TYR B 184 -17.24 -27.60 -9.77
C TYR B 184 -18.13 -26.66 -8.96
N MET B 185 -17.95 -25.36 -9.08
CA MET B 185 -18.76 -24.41 -8.34
C MET B 185 -20.17 -24.43 -8.85
N ILE B 186 -20.33 -24.50 -10.16
CA ILE B 186 -21.64 -24.54 -10.79
C ILE B 186 -22.40 -25.76 -10.35
N CYS B 187 -21.71 -26.89 -10.30
CA CYS B 187 -22.32 -28.11 -9.83
C CYS B 187 -22.68 -28.09 -8.35
N PHE B 188 -21.76 -27.61 -7.51
CA PHE B 188 -21.89 -27.64 -6.04
C PHE B 188 -23.04 -26.85 -5.48
N TYR B 189 -23.30 -25.65 -5.99
CA TYR B 189 -24.41 -24.89 -5.48
C TYR B 189 -25.69 -25.57 -5.88
N SER B 190 -25.74 -26.06 -7.11
CA SER B 190 -26.93 -26.77 -7.58
C SER B 190 -27.29 -28.07 -6.85
N LEU B 191 -26.30 -28.91 -6.56
CA LEU B 191 -26.59 -30.21 -5.93
C LEU B 191 -26.23 -30.50 -4.46
N GLU B 192 -25.03 -30.14 -4.04
CA GLU B 192 -24.59 -30.45 -2.68
C GLU B 192 -24.57 -29.36 -1.62
N LEU B 193 -25.14 -28.19 -1.91
CA LEU B 193 -25.18 -27.13 -0.93
C LEU B 193 -26.59 -27.02 -0.39
N LYS B 194 -26.74 -27.03 0.93
CA LYS B 194 -28.05 -26.91 1.54
C LYS B 194 -28.27 -25.44 1.81
N TRP B 195 -29.19 -24.86 1.05
CA TRP B 195 -29.47 -23.44 1.13
C TRP B 195 -30.02 -22.94 2.46
N ASP B 196 -30.85 -23.75 3.11
CA ASP B 196 -31.48 -23.36 4.37
C ASP B 196 -30.51 -23.08 5.52
N GLU B 197 -29.45 -23.87 5.66
CA GLU B 197 -28.51 -23.63 6.75
C GLU B 197 -27.79 -22.29 6.60
N SER B 198 -27.62 -21.59 7.71
CA SER B 198 -26.97 -20.29 7.74
C SER B 198 -25.51 -20.30 7.31
N LYS B 199 -24.78 -21.32 7.76
CA LYS B 199 -23.37 -21.46 7.43
C LYS B 199 -23.10 -22.79 6.76
N GLY B 200 -23.77 -23.02 5.64
CA GLY B 200 -23.65 -24.25 4.89
C GLY B 200 -22.53 -24.28 3.87
N LEU B 201 -21.78 -23.19 3.75
CA LEU B 201 -20.67 -23.16 2.80
C LEU B 201 -19.61 -24.16 3.15
N LEU B 202 -19.33 -24.31 4.44
CA LEU B 202 -18.36 -25.27 4.94
C LEU B 202 -19.15 -26.40 5.56
N PRO B 203 -19.51 -27.42 4.76
CA PRO B 203 -20.33 -28.52 5.26
C PRO B 203 -19.80 -29.18 6.51
N SER B 209 -19.75 -36.94 1.44
CA SER B 209 -19.22 -35.99 0.48
C SER B 209 -20.15 -35.90 -0.73
N GLY B 210 -20.76 -37.03 -1.08
CA GLY B 210 -21.67 -37.09 -2.20
C GLY B 210 -20.92 -37.10 -3.51
N ILE B 211 -21.61 -36.83 -4.62
CA ILE B 211 -20.92 -36.90 -5.92
C ILE B 211 -20.64 -35.58 -6.65
N CYS B 212 -19.79 -34.74 -6.06
CA CYS B 212 -19.44 -33.45 -6.68
C CYS B 212 -17.95 -33.26 -7.00
N HIS B 213 -17.11 -34.29 -6.87
CA HIS B 213 -15.68 -34.14 -7.16
C HIS B 213 -15.07 -35.39 -7.82
N LYS B 214 -15.90 -36.10 -8.57
CA LYS B 214 -15.59 -37.31 -9.30
C LYS B 214 -15.93 -37.28 -10.77
N TYR B 215 -15.04 -37.87 -11.57
CA TYR B 215 -15.25 -38.02 -13.00
C TYR B 215 -16.17 -39.21 -13.20
N THR B 216 -17.47 -39.01 -13.00
CA THR B 216 -18.42 -40.12 -13.14
C THR B 216 -19.54 -39.85 -14.13
N TYR B 217 -20.03 -38.62 -14.12
CA TYR B 217 -21.10 -38.21 -15.04
C TYR B 217 -20.62 -37.63 -16.37
N GLY B 218 -19.36 -37.91 -16.71
CA GLY B 218 -18.74 -37.92 -18.01
C GLY B 218 -18.58 -36.47 -18.42
N VAL B 219 -18.73 -35.58 -17.45
CA VAL B 219 -18.65 -34.16 -17.73
C VAL B 219 -17.24 -33.63 -17.49
N ARG B 220 -16.61 -34.05 -16.40
CA ARG B 220 -15.28 -33.54 -16.08
C ARG B 220 -14.21 -33.89 -17.09
N ALA B 221 -14.35 -34.98 -17.84
CA ALA B 221 -13.39 -35.29 -18.90
C ALA B 221 -13.54 -34.31 -20.07
N ILE B 222 -14.78 -34.02 -20.47
CA ILE B 222 -15.01 -33.08 -21.56
C ILE B 222 -14.45 -31.70 -21.19
N VAL B 223 -14.58 -31.34 -19.93
CA VAL B 223 -14.09 -30.06 -19.49
C VAL B 223 -12.56 -29.87 -19.47
N GLN B 224 -11.77 -30.93 -19.41
CA GLN B 224 -10.32 -30.71 -19.47
C GLN B 224 -9.75 -30.97 -20.84
N CYS B 225 -10.61 -31.41 -21.74
CA CYS B 225 -10.24 -31.66 -23.11
C CYS B 225 -10.79 -30.51 -23.90
N ILE B 226 -11.34 -29.50 -23.23
CA ILE B 226 -11.89 -28.40 -24.00
C ILE B 226 -10.88 -27.55 -24.72
N PRO B 227 -9.76 -27.21 -24.07
CA PRO B 227 -8.73 -26.39 -24.74
C PRO B 227 -7.87 -27.18 -25.72
N ALA B 228 -7.55 -28.43 -25.38
CA ALA B 228 -6.82 -29.27 -26.32
C ALA B 228 -7.62 -29.48 -27.60
N TRP B 229 -8.94 -29.60 -27.47
CA TRP B 229 -9.79 -29.73 -28.64
C TRP B 229 -9.74 -28.49 -29.51
N LEU B 230 -9.78 -27.31 -28.89
CA LEU B 230 -9.72 -26.07 -29.67
C LEU B 230 -8.41 -25.95 -30.42
N ARG B 231 -7.29 -26.34 -29.80
CA ARG B 231 -6.02 -26.22 -30.51
C ARG B 231 -5.89 -27.27 -31.60
N PHE B 232 -6.41 -28.48 -31.37
CA PHE B 232 -6.42 -29.50 -32.42
C PHE B 232 -7.23 -29.04 -33.62
N ILE B 233 -8.38 -28.42 -33.37
CA ILE B 233 -9.23 -27.95 -34.46
C ILE B 233 -8.58 -26.80 -35.22
N GLN B 234 -7.93 -25.89 -34.50
CA GLN B 234 -7.21 -24.80 -35.16
C GLN B 234 -6.10 -25.32 -36.06
N CYS B 235 -5.39 -26.36 -35.60
CA CYS B 235 -4.34 -26.93 -36.44
C CYS B 235 -4.92 -27.53 -37.72
N LEU B 236 -6.06 -28.20 -37.63
CA LEU B 236 -6.66 -28.76 -38.84
C LEU B 236 -7.09 -27.66 -39.81
N ARG B 237 -7.68 -26.58 -39.29
CA ARG B 237 -8.09 -25.48 -40.18
C ARG B 237 -6.88 -24.82 -40.84
N ARG B 238 -5.81 -24.62 -40.07
CA ARG B 238 -4.58 -24.06 -40.63
C ARG B 238 -4.01 -24.98 -41.71
N TYR B 239 -4.13 -26.29 -41.52
CA TYR B 239 -3.71 -27.22 -42.56
C TYR B 239 -4.56 -27.09 -43.82
N ARG B 240 -5.85 -26.83 -43.67
CA ARG B 240 -6.70 -26.69 -44.83
C ARG B 240 -6.23 -25.59 -45.76
N ASP B 241 -6.05 -24.37 -45.23
CA ASP B 241 -5.61 -23.22 -46.00
C ASP B 241 -4.29 -23.34 -46.73
N THR B 242 -3.26 -23.68 -45.98
CA THR B 242 -1.87 -23.81 -46.44
C THR B 242 -1.51 -24.98 -47.35
N LYS B 243 -2.08 -26.14 -47.06
CA LYS B 243 -1.87 -27.44 -47.73
C LYS B 243 -0.51 -28.08 -47.45
N ARG B 244 0.07 -27.81 -46.29
CA ARG B 244 1.35 -28.37 -45.88
C ARG B 244 1.12 -29.31 -44.70
N ALA B 245 1.50 -30.57 -44.84
CA ALA B 245 1.29 -31.58 -43.82
C ALA B 245 2.18 -31.36 -42.61
N PHE B 246 3.29 -30.69 -42.83
CA PHE B 246 4.24 -30.32 -41.79
C PHE B 246 4.38 -28.81 -41.74
N PRO B 247 4.19 -28.22 -40.55
CA PRO B 247 4.00 -28.93 -39.28
C PRO B 247 2.60 -28.91 -38.77
N HIS B 248 1.59 -28.87 -39.62
CA HIS B 248 0.24 -28.78 -39.11
C HIS B 248 -0.41 -30.10 -38.69
N LEU B 249 -0.05 -31.20 -39.34
CA LEU B 249 -0.61 -32.49 -39.01
C LEU B 249 0.19 -33.15 -37.92
N VAL B 250 1.47 -32.81 -37.81
CA VAL B 250 2.30 -33.34 -36.74
C VAL B 250 1.94 -32.62 -35.46
N ASN B 251 1.63 -31.33 -35.54
CA ASN B 251 1.23 -30.54 -34.35
C ASN B 251 -0.15 -30.90 -33.82
N ALA B 252 -1.07 -31.25 -34.71
CA ALA B 252 -2.39 -31.68 -34.29
C ALA B 252 -2.33 -32.94 -33.46
N GLY B 253 -1.46 -33.88 -33.83
CA GLY B 253 -1.26 -35.09 -33.06
C GLY B 253 -0.73 -34.81 -31.67
N LYS B 254 0.14 -33.82 -31.53
CA LYS B 254 0.63 -33.44 -30.23
C LYS B 254 -0.54 -33.12 -29.34
N TYR B 255 -1.53 -32.43 -29.89
CA TYR B 255 -2.69 -32.07 -29.08
C TYR B 255 -3.68 -33.21 -28.93
N SER B 256 -3.62 -34.22 -29.81
CA SER B 256 -4.54 -35.34 -29.72
C SER B 256 -4.11 -36.36 -28.67
N THR B 257 -2.83 -36.39 -28.30
CA THR B 257 -2.38 -37.32 -27.27
C THR B 257 -3.12 -37.14 -25.96
N THR B 258 -3.55 -35.90 -25.66
CA THR B 258 -4.28 -35.64 -24.42
C THR B 258 -5.60 -36.40 -24.37
N PHE B 259 -6.24 -36.61 -25.52
CA PHE B 259 -7.51 -37.32 -25.54
C PHE B 259 -7.35 -38.75 -25.01
N PHE B 260 -6.38 -39.47 -25.55
CA PHE B 260 -6.14 -40.84 -25.13
C PHE B 260 -5.78 -40.96 -23.68
N MET B 261 -4.95 -40.06 -23.19
CA MET B 261 -4.56 -40.09 -21.80
C MET B 261 -5.71 -39.84 -20.82
N VAL B 262 -6.57 -38.87 -21.10
CA VAL B 262 -7.69 -38.55 -20.21
C VAL B 262 -8.85 -39.51 -20.36
N THR B 263 -8.95 -40.13 -21.53
CA THR B 263 -9.91 -41.19 -21.81
C THR B 263 -9.67 -42.39 -20.96
N PHE B 264 -8.41 -42.73 -20.83
CA PHE B 264 -8.04 -43.83 -19.99
C PHE B 264 -8.25 -43.52 -18.51
N ALA B 265 -8.21 -42.26 -18.06
CA ALA B 265 -8.40 -41.98 -16.61
C ALA B 265 -9.76 -42.28 -16.21
N ALA B 266 -10.62 -41.79 -17.06
CA ALA B 266 -11.96 -41.99 -16.83
C ALA B 266 -12.15 -43.47 -16.98
N LEU B 267 -11.18 -44.27 -17.52
CA LEU B 267 -11.67 -45.63 -17.64
C LEU B 267 -11.23 -46.51 -16.47
N TYR B 268 -9.97 -46.39 -16.08
CA TYR B 268 -9.46 -47.17 -14.97
C TYR B 268 -10.17 -46.83 -13.67
N SER B 269 -10.44 -45.56 -13.46
CA SER B 269 -11.12 -45.17 -12.24
C SER B 269 -12.50 -45.79 -12.18
N THR B 270 -13.24 -45.77 -13.27
CA THR B 270 -14.57 -46.36 -13.27
C THR B 270 -14.56 -47.87 -13.04
N HIS B 271 -13.65 -48.58 -13.72
CA HIS B 271 -13.53 -50.02 -13.58
C HIS B 271 -13.10 -50.42 -12.17
N LYS B 272 -12.17 -49.68 -11.59
CA LYS B 272 -11.67 -49.99 -10.26
C LYS B 272 -12.74 -49.95 -9.19
N GLU B 273 -13.53 -48.87 -9.22
CA GLU B 273 -14.64 -48.62 -8.29
C GLU B 273 -15.64 -49.77 -8.33
N ARG B 274 -15.75 -50.39 -9.50
CA ARG B 274 -16.53 -51.62 -9.64
C ARG B 274 -15.67 -52.81 -9.32
N GLY B 275 -16.28 -53.97 -9.11
CA GLY B 275 -15.51 -55.17 -8.91
C GLY B 275 -15.19 -55.75 -10.26
N HIS B 276 -14.32 -55.08 -11.02
CA HIS B 276 -14.02 -55.53 -12.37
C HIS B 276 -12.55 -55.88 -12.52
N SER B 277 -12.25 -56.92 -13.30
CA SER B 277 -10.87 -57.38 -13.46
C SER B 277 -10.16 -56.75 -14.67
N ASP B 278 -10.87 -55.90 -15.41
CA ASP B 278 -10.29 -55.26 -16.58
C ASP B 278 -9.49 -54.05 -16.14
N THR B 279 -9.51 -53.76 -14.85
CA THR B 279 -8.82 -52.59 -14.33
C THR B 279 -7.33 -52.62 -14.60
N MET B 280 -6.72 -53.79 -14.46
CA MET B 280 -5.28 -53.92 -14.65
C MET B 280 -4.88 -53.56 -16.06
N VAL B 281 -5.66 -54.03 -17.04
CA VAL B 281 -5.33 -53.77 -18.43
C VAL B 281 -5.36 -52.27 -18.70
N PHE B 282 -6.41 -51.62 -18.24
CA PHE B 282 -6.53 -50.18 -18.44
C PHE B 282 -5.41 -49.47 -17.72
N PHE B 283 -4.94 -50.01 -16.61
CA PHE B 283 -3.86 -49.33 -15.88
C PHE B 283 -2.56 -49.40 -16.66
N TYR B 284 -2.39 -50.47 -17.43
CA TYR B 284 -1.20 -50.61 -18.26
C TYR B 284 -1.18 -49.52 -19.32
N LEU B 285 -2.35 -49.26 -19.90
CA LEU B 285 -2.50 -48.26 -20.93
C LEU B 285 -2.47 -46.82 -20.43
N TRP B 286 -2.99 -46.53 -19.25
CA TRP B 286 -2.96 -45.14 -18.81
C TRP B 286 -1.55 -44.67 -18.65
N ILE B 287 -0.67 -45.55 -18.20
CA ILE B 287 0.75 -45.24 -18.02
C ILE B 287 1.48 -44.99 -19.34
N VAL B 288 1.18 -45.82 -20.34
CA VAL B 288 1.83 -45.73 -21.62
C VAL B 288 1.50 -44.42 -22.33
N PHE B 289 0.26 -43.96 -22.20
CA PHE B 289 -0.15 -42.71 -22.81
C PHE B 289 0.18 -41.54 -21.93
N TYR B 290 1.00 -41.78 -20.93
CA TYR B 290 1.45 -40.73 -20.03
C TYR B 290 2.86 -40.40 -20.42
N ILE B 291 3.68 -41.41 -20.72
CA ILE B 291 5.05 -41.13 -21.14
C ILE B 291 5.07 -40.63 -22.57
N ILE B 292 4.20 -41.18 -23.43
CA ILE B 292 4.15 -40.70 -24.81
C ILE B 292 3.79 -39.21 -24.85
N SER B 293 2.75 -38.82 -24.11
CA SER B 293 2.31 -37.42 -24.14
C SER B 293 3.39 -36.48 -23.61
N SER B 294 4.01 -36.85 -22.48
CA SER B 294 5.01 -35.97 -21.87
C SER B 294 6.21 -35.78 -22.79
N CYS B 295 6.70 -36.88 -23.37
CA CYS B 295 7.85 -36.79 -24.27
C CYS B 295 7.50 -35.99 -25.52
N TYR B 296 6.30 -36.18 -26.06
CA TYR B 296 5.90 -35.49 -27.28
C TYR B 296 5.81 -33.99 -27.06
N THR B 297 5.16 -33.57 -25.98
CA THR B 297 5.06 -32.14 -25.70
C THR B 297 6.43 -31.54 -25.39
N LEU B 298 7.29 -32.27 -24.66
CA LEU B 298 8.58 -31.72 -24.28
C LEU B 298 9.48 -31.53 -25.50
N ILE B 299 9.56 -32.54 -26.36
CA ILE B 299 10.40 -32.43 -27.56
C ILE B 299 9.88 -31.31 -28.45
N TRP B 300 8.56 -31.20 -28.59
CA TRP B 300 8.01 -30.10 -29.39
C TRP B 300 8.41 -28.76 -28.80
N ASP B 301 8.23 -28.59 -27.48
CA ASP B 301 8.64 -27.35 -26.81
C ASP B 301 10.07 -26.98 -27.19
N LEU B 302 11.02 -27.86 -26.86
CA LEU B 302 12.43 -27.51 -26.98
C LEU B 302 12.83 -27.27 -28.43
N LYS B 303 12.55 -28.19 -29.31
CA LYS B 303 12.98 -28.03 -30.70
C LYS B 303 12.17 -27.15 -31.62
N MET B 304 10.85 -27.12 -31.49
CA MET B 304 10.01 -26.34 -32.38
C MET B 304 9.53 -25.03 -31.78
N ASP B 305 9.21 -24.99 -30.50
CA ASP B 305 8.71 -23.74 -29.92
C ASP B 305 9.84 -22.77 -29.65
N TRP B 306 10.91 -23.21 -29.00
CA TRP B 306 12.03 -22.36 -28.67
C TRP B 306 13.13 -22.38 -29.71
N GLY B 307 13.18 -23.39 -30.57
CA GLY B 307 14.14 -23.39 -31.66
C GLY B 307 15.57 -23.63 -31.24
N LEU B 308 15.78 -24.40 -30.18
CA LEU B 308 17.10 -24.68 -29.66
C LEU B 308 17.63 -25.97 -30.26
N PHE B 309 18.81 -26.41 -29.80
CA PHE B 309 19.49 -27.60 -30.32
C PHE B 309 19.68 -27.50 -31.83
N ASP B 310 20.10 -26.34 -32.30
CA ASP B 310 20.22 -26.12 -33.73
C ASP B 310 21.61 -26.55 -34.21
N LYS B 311 21.71 -26.84 -35.52
CA LYS B 311 22.95 -27.36 -36.07
C LYS B 311 24.06 -26.31 -36.13
N ASN B 312 23.75 -25.06 -36.46
CA ASN B 312 24.76 -24.02 -36.58
C ASN B 312 24.87 -23.16 -35.33
N ALA B 313 24.72 -23.77 -34.15
CA ALA B 313 24.80 -23.03 -32.91
C ALA B 313 26.15 -22.33 -32.75
N GLY B 314 27.23 -23.00 -33.10
CA GLY B 314 28.54 -22.38 -33.02
C GLY B 314 28.97 -22.22 -31.57
N GLU B 315 29.19 -20.96 -31.17
CA GLU B 315 29.70 -20.69 -29.82
C GLU B 315 28.68 -21.02 -28.75
N ASN B 316 27.44 -20.53 -28.90
CA ASN B 316 26.39 -20.80 -27.92
C ASN B 316 25.99 -22.26 -28.09
N THR B 317 26.68 -23.13 -27.35
CA THR B 317 26.52 -24.56 -27.57
C THR B 317 25.25 -25.07 -26.90
N PHE B 318 24.56 -25.97 -27.61
CA PHE B 318 23.23 -26.51 -27.35
C PHE B 318 22.11 -25.48 -27.59
N LEU B 319 22.46 -24.24 -27.88
CA LEU B 319 21.48 -23.18 -28.10
C LEU B 319 21.35 -22.95 -29.60
N ARG B 320 20.82 -21.79 -29.96
CA ARG B 320 20.70 -21.43 -31.35
C ARG B 320 21.80 -20.45 -31.62
N GLU B 321 21.83 -19.84 -32.80
CA GLU B 321 22.95 -18.98 -33.16
C GLU B 321 22.82 -17.60 -32.53
N GLU B 322 21.62 -17.01 -32.56
CA GLU B 322 21.37 -15.70 -31.98
C GLU B 322 20.60 -15.86 -30.69
N ILE B 323 21.00 -15.12 -29.66
CA ILE B 323 20.25 -15.03 -28.41
C ILE B 323 20.07 -13.56 -28.08
N VAL B 324 18.92 -13.23 -27.49
CA VAL B 324 18.58 -11.85 -27.19
C VAL B 324 18.73 -11.53 -25.71
N TYR B 325 18.42 -12.48 -24.85
CA TYR B 325 18.59 -12.25 -23.42
C TYR B 325 20.07 -12.43 -23.06
N PRO B 326 20.60 -11.58 -22.18
CA PRO B 326 22.07 -11.47 -22.07
C PRO B 326 22.77 -12.76 -21.65
N GLN B 327 22.28 -13.46 -20.64
CA GLN B 327 23.03 -14.55 -20.01
C GLN B 327 22.59 -15.89 -20.58
N LYS B 328 23.57 -16.78 -20.83
CA LYS B 328 23.24 -18.15 -21.21
C LYS B 328 22.67 -18.94 -20.05
N ALA B 329 22.97 -18.52 -18.81
CA ALA B 329 22.44 -19.20 -17.65
C ALA B 329 20.91 -19.25 -17.69
N TYR B 330 20.29 -18.16 -18.16
CA TYR B 330 18.84 -18.14 -18.29
C TYR B 330 18.36 -19.29 -19.16
N TYR B 331 19.00 -19.50 -20.30
CA TYR B 331 18.55 -20.54 -21.22
C TYR B 331 18.74 -21.93 -20.61
N TYR B 332 19.84 -22.14 -19.89
CA TYR B 332 20.08 -23.47 -19.34
C TYR B 332 19.15 -23.77 -18.18
N CYS B 333 18.94 -22.82 -17.28
CA CYS B 333 17.94 -22.99 -16.22
C CYS B 333 16.56 -23.21 -16.83
N ALA B 334 16.24 -22.53 -17.92
CA ALA B 334 14.95 -22.71 -18.57
C ALA B 334 14.79 -24.12 -19.11
N ILE B 335 15.84 -24.65 -19.75
CA ILE B 335 15.77 -26.02 -20.28
C ILE B 335 15.51 -27.02 -19.16
N ILE B 336 16.26 -26.90 -18.06
CA ILE B 336 16.09 -27.86 -16.97
C ILE B 336 14.73 -27.71 -16.32
N GLU B 337 14.29 -26.47 -16.12
CA GLU B 337 12.99 -26.22 -15.50
C GLU B 337 11.85 -26.79 -16.34
N ASP B 338 11.88 -26.55 -17.65
CA ASP B 338 10.84 -27.08 -18.52
C ASP B 338 10.86 -28.61 -18.52
N VAL B 339 12.06 -29.20 -18.49
CA VAL B 339 12.14 -30.66 -18.49
C VAL B 339 11.49 -31.25 -17.24
N ILE B 340 11.72 -30.64 -16.07
CA ILE B 340 11.17 -31.23 -14.85
C ILE B 340 9.73 -30.83 -14.58
N LEU B 341 9.22 -29.77 -15.20
CA LEU B 341 7.82 -29.39 -15.01
C LEU B 341 6.89 -29.98 -16.07
N ARG B 342 7.43 -30.37 -17.23
CA ARG B 342 6.59 -31.07 -18.20
C ARG B 342 6.21 -32.45 -17.69
N PHE B 343 6.93 -32.98 -16.73
CA PHE B 343 6.53 -34.28 -16.19
C PHE B 343 5.47 -34.11 -15.09
N ALA B 344 5.55 -33.01 -14.36
CA ALA B 344 4.58 -32.63 -13.33
C ALA B 344 3.19 -32.29 -13.89
N TRP B 345 3.10 -31.69 -15.07
CA TRP B 345 1.83 -31.29 -15.70
C TRP B 345 0.92 -32.45 -16.08
N THR B 346 1.46 -33.48 -16.70
CA THR B 346 0.65 -34.63 -17.09
C THR B 346 0.04 -35.39 -15.93
N ILE B 347 0.75 -35.51 -14.81
CA ILE B 347 0.18 -36.24 -13.68
C ILE B 347 -1.02 -35.52 -13.08
N GLN B 348 -0.97 -34.21 -12.95
CA GLN B 348 -2.08 -33.47 -12.39
C GLN B 348 -3.33 -33.44 -13.28
N ILE B 349 -3.18 -33.76 -14.55
CA ILE B 349 -4.28 -33.76 -15.49
C ILE B 349 -5.11 -35.02 -15.31
N SER B 350 -4.44 -36.17 -15.30
CA SER B 350 -5.11 -37.45 -15.09
C SER B 350 -5.68 -37.56 -13.68
N ILE B 351 -4.90 -37.12 -12.71
CA ILE B 351 -5.31 -37.19 -11.33
C ILE B 351 -6.62 -36.47 -11.09
N THR B 352 -6.84 -35.34 -11.73
CA THR B 352 -8.10 -34.63 -11.54
C THR B 352 -9.31 -35.50 -11.89
N SER B 353 -9.10 -36.46 -12.80
CA SER B 353 -10.19 -37.33 -13.23
C SER B 353 -10.28 -38.61 -12.41
N THR B 354 -10.46 -38.43 -11.09
CA THR B 354 -10.66 -39.50 -10.10
C THR B 354 -9.72 -40.71 -9.99
N THR B 355 -8.42 -40.49 -9.91
CA THR B 355 -7.50 -41.61 -9.76
C THR B 355 -7.02 -42.08 -8.37
N LEU B 356 -6.24 -41.23 -7.70
CA LEU B 356 -5.69 -41.47 -6.36
C LEU B 356 -6.80 -41.08 -5.40
N LEU B 357 -6.99 -41.89 -4.37
CA LEU B 357 -8.03 -41.67 -3.37
C LEU B 357 -7.90 -40.20 -2.99
N PRO B 358 -9.01 -39.50 -2.89
CA PRO B 358 -9.29 -38.07 -2.67
C PRO B 358 -8.39 -37.41 -1.62
N HIS B 359 -8.20 -38.01 -0.44
CA HIS B 359 -7.40 -37.38 0.61
C HIS B 359 -6.00 -36.94 0.18
N SER B 360 -5.31 -37.77 -0.61
CA SER B 360 -3.96 -37.44 -1.05
C SER B 360 -3.91 -36.65 -2.36
N GLY B 361 -4.96 -36.75 -3.16
CA GLY B 361 -5.04 -36.03 -4.42
C GLY B 361 -5.21 -34.52 -4.46
N ASP B 362 -6.03 -34.00 -3.56
CA ASP B 362 -6.31 -32.57 -3.50
C ASP B 362 -5.14 -31.67 -3.13
N ILE B 363 -4.14 -32.21 -2.45
CA ILE B 363 -2.97 -31.40 -2.12
C ILE B 363 -1.96 -31.38 -3.26
N ILE B 364 -1.98 -32.39 -4.12
CA ILE B 364 -1.09 -32.44 -5.28
C ILE B 364 -1.53 -31.44 -6.34
N ALA B 365 -2.83 -31.38 -6.64
CA ALA B 365 -3.32 -30.44 -7.63
C ALA B 365 -3.15 -29.00 -7.16
N THR B 366 -3.44 -28.74 -5.89
CA THR B 366 -3.36 -27.37 -5.38
C THR B 366 -1.92 -26.87 -5.35
N VAL B 367 -0.96 -27.79 -5.18
CA VAL B 367 0.44 -27.38 -5.17
C VAL B 367 0.98 -27.25 -6.58
N PHE B 368 0.52 -28.10 -7.52
CA PHE B 368 1.11 -28.15 -8.85
C PHE B 368 0.43 -27.22 -9.85
N ALA B 369 -0.71 -26.61 -9.52
CA ALA B 369 -1.33 -25.68 -10.45
C ALA B 369 -0.52 -24.39 -10.62
N PRO B 370 -0.10 -23.69 -9.56
CA PRO B 370 0.72 -22.49 -9.77
C PRO B 370 2.04 -22.79 -10.45
N LEU B 371 2.55 -24.01 -10.33
CA LEU B 371 3.79 -24.36 -11.01
C LEU B 371 3.57 -24.51 -12.51
N GLU B 372 2.36 -24.92 -12.92
CA GLU B 372 2.04 -24.97 -14.34
C GLU B 372 1.89 -23.55 -14.90
N VAL B 373 1.29 -22.64 -14.13
CA VAL B 373 1.25 -21.25 -14.57
C VAL B 373 2.66 -20.69 -14.67
N PHE B 374 3.55 -21.09 -13.77
CA PHE B 374 4.93 -20.64 -13.84
C PHE B 374 5.65 -21.19 -15.06
N ARG B 375 5.34 -22.43 -15.44
CA ARG B 375 5.97 -22.98 -16.65
C ARG B 375 5.51 -22.25 -17.90
N ARG B 376 4.24 -21.86 -17.95
CA ARG B 376 3.76 -21.08 -19.09
C ARG B 376 4.38 -19.69 -19.11
N PHE B 377 4.59 -19.10 -17.93
CA PHE B 377 5.27 -17.82 -17.83
C PHE B 377 6.68 -17.88 -18.41
N VAL B 378 7.40 -18.96 -18.13
CA VAL B 378 8.74 -19.11 -18.68
C VAL B 378 8.70 -19.43 -20.17
N TRP B 379 7.68 -20.17 -20.61
CA TRP B 379 7.55 -20.51 -22.02
C TRP B 379 7.36 -19.27 -22.89
N ASN B 380 6.68 -18.25 -22.35
CA ASN B 380 6.34 -17.07 -23.15
C ASN B 380 7.58 -16.37 -23.67
N PHE B 381 8.61 -16.23 -22.83
CA PHE B 381 9.81 -15.49 -23.21
C PHE B 381 10.41 -16.03 -24.50
N PHE B 382 10.80 -17.31 -24.48
CA PHE B 382 11.53 -17.86 -25.60
C PHE B 382 10.62 -18.15 -26.79
N ARG B 383 9.32 -18.32 -26.57
CA ARG B 383 8.43 -18.46 -27.72
C ARG B 383 8.35 -17.16 -28.50
N LEU B 384 8.13 -16.04 -27.81
CA LEU B 384 8.06 -14.76 -28.51
C LEU B 384 9.42 -14.40 -29.10
N GLU B 385 10.51 -14.76 -28.42
CA GLU B 385 11.83 -14.48 -28.95
C GLU B 385 12.11 -15.28 -30.22
N ASN B 386 11.73 -16.57 -30.22
CA ASN B 386 11.95 -17.38 -31.41
C ASN B 386 10.98 -17.01 -32.52
N GLU B 387 9.90 -16.32 -32.18
CA GLU B 387 9.04 -15.76 -33.23
C GLU B 387 9.72 -14.55 -33.88
N HIS B 388 10.08 -13.57 -33.05
CA HIS B 388 10.75 -12.36 -33.53
C HIS B 388 11.98 -12.70 -34.35
N LEU B 389 12.78 -13.66 -33.90
CA LEU B 389 13.92 -14.16 -34.65
C LEU B 389 13.46 -15.32 -35.52
N ASN B 390 13.52 -15.17 -36.83
CA ASN B 390 13.35 -16.26 -37.78
C ASN B 390 11.90 -16.73 -37.92
N ASN B 391 10.92 -15.85 -37.67
CA ASN B 391 9.54 -16.06 -38.13
C ASN B 391 9.07 -17.49 -37.88
N CYS B 392 9.09 -17.98 -36.65
CA CYS B 392 8.77 -19.40 -36.47
C CYS B 392 7.36 -19.89 -36.80
N GLY B 393 6.31 -19.15 -36.46
CA GLY B 393 4.98 -19.66 -36.76
C GLY B 393 4.43 -19.45 -38.15
N GLU B 394 5.13 -18.64 -38.91
CA GLU B 394 4.83 -18.20 -40.28
C GLU B 394 3.47 -17.52 -40.37
N PHE B 395 3.18 -16.71 -39.36
CA PHE B 395 1.95 -15.97 -39.25
C PHE B 395 2.01 -14.67 -40.01
N ARG B 396 3.20 -14.14 -40.24
CA ARG B 396 3.34 -12.94 -41.06
C ARG B 396 3.83 -13.24 -42.46
N ALA B 397 4.70 -14.23 -42.59
CA ALA B 397 5.20 -14.63 -43.91
C ALA B 397 5.80 -13.50 -44.73
N VAL B 398 6.57 -12.62 -44.10
CA VAL B 398 7.22 -11.53 -44.83
C VAL B 398 8.11 -12.09 -45.94
#